data_2VKG
# 
_entry.id   2VKG 
# 
_audit_conform.dict_name       mmcif_pdbx.dic 
_audit_conform.dict_version    5.382 
_audit_conform.dict_location   http://mmcif.pdb.org/dictionaries/ascii/mmcif_pdbx.dic 
# 
loop_
_database_2.database_id 
_database_2.database_code 
_database_2.pdbx_database_accession 
_database_2.pdbx_DOI 
PDB   2VKG         pdb_00002vkg 10.2210/pdb2vkg/pdb 
PDBE  EBI-34828    ?            ?                   
WWPDB D_1290034828 ?            ?                   
# 
loop_
_pdbx_database_related.db_name 
_pdbx_database_related.db_id 
_pdbx_database_related.content_type 
_pdbx_database_related.details 
PDB 2CCB unspecified 'COMPLEXES OF DODECIN WITH FLAVIN AND FLAVIN -LIKE LIGANDS' 
PDB 2CCC unspecified 'COMPLEXES OF DODECIN WITH FLAVIN AND FLAVIN -LIKE LIGANDS' 
PDB 2CIF unspecified 'COMPLEXES OF DODECIN WITH FLAVIN AND FLAVIN -LIKE LIGANDS' 
PDB 1MOG unspecified 'CRYSTAL STRUCTURE OF H. SALINARUM DODECIN'                 
PDB 2CC6 unspecified 'COMPLEXES OF DODECIN WITH FLAVIN AND FLAVIN -LIKE LIGANDS' 
PDB 2CC7 unspecified 'COMPLEXES OF DODECIN WITH FLAVIN AND FLAVIN -LIKE LIGANDS' 
PDB 2CC8 unspecified 'COMPLEXES OF DODECIN WITH FLAVIN AND FLAVIN -LIKE LIGANDS' 
PDB 2CC9 unspecified 'COMPLEXES OF DODECIN WITH FLAVIN AND FLAVIN -LIKE LIGANDS' 
PDB 2CIE unspecified 'COMPLEXES OF DODECIN WITH FLAVIN AND FLAVIN -LIKE LIGANDS' 
PDB 2CJC unspecified 'COMPLEXES OF DODECIN WITH FLAVIN AND FLAVIN -LIKE LIGANDS' 
PDB 2VKF unspecified 'COMPLEXES OF DODECIN WITH FLAVIN AND FLAVIN -LIKE LIGANDS' 
# 
_pdbx_database_status.status_code                     REL 
_pdbx_database_status.entry_id                        2VKG 
_pdbx_database_status.deposit_site                    PDBE 
_pdbx_database_status.process_site                    PDBE 
_pdbx_database_status.SG_entry                        . 
_pdbx_database_status.recvd_initial_deposition_date   2007-12-19 
_pdbx_database_status.pdb_format_compatible           Y 
_pdbx_database_status.status_code_sf                  REL 
_pdbx_database_status.status_code_mr                  ? 
_pdbx_database_status.status_code_cs                  ? 
_pdbx_database_status.methods_development_category    ? 
_pdbx_database_status.status_code_nmr_data            ? 
# 
loop_
_audit_author.name 
_audit_author.pdbx_ordinal 
'Grininger, M.'  1 
'Noell, G.'      2 
'Trawoeger, S.'  3 
'Sinner, E.'     4 
'Oesterhelt, D.' 5 
# 
_citation.id                        primary 
_citation.title                     
'Electrochemical Switching of the Flavoprotein Dodecin at Gold Surfaces Modified by Flavin-DNA Hybrid Linkers' 
_citation.journal_abbrev            Biointerphases 
_citation.journal_volume            3 
_citation.page_first                51 
_citation.page_last                 ? 
_citation.year                      2008 
_citation.journal_id_ASTM           ? 
_citation.country                   ? 
_citation.journal_id_ISSN           1934-8630 
_citation.journal_id_CSD            ? 
_citation.book_publisher            ? 
_citation.pdbx_database_id_PubMed   20408700 
_citation.pdbx_database_id_DOI      10.1116/1.2965134 
# 
loop_
_citation_author.citation_id 
_citation_author.name 
_citation_author.ordinal 
_citation_author.identifier_ORCID 
primary 'Grininger, M.'  1 ? 
primary 'Noell, G.'      2 ? 
primary 'Trawoeger, S.'  3 ? 
primary 'Sinner, E.'     4 ? 
primary 'Oesterhelt, D.' 5 ? 
# 
_cell.entry_id           2VKG 
_cell.length_a           142.030 
_cell.length_b           142.030 
_cell.length_c           142.030 
_cell.angle_alpha        90.00 
_cell.angle_beta         90.00 
_cell.angle_gamma        90.00 
_cell.Z_PDB              96 
_cell.pdbx_unique_axis   ? 
# 
_symmetry.entry_id                         2VKG 
_symmetry.space_group_name_H-M             'F 41 3 2' 
_symmetry.pdbx_full_space_group_name_H-M   ? 
_symmetry.cell_setting                     ? 
_symmetry.Int_Tables_number                210 
# 
loop_
_entity.id 
_entity.type 
_entity.src_method 
_entity.pdbx_description 
_entity.formula_weight 
_entity.pdbx_number_of_molecules 
_entity.pdbx_ec 
_entity.pdbx_mutation 
_entity.pdbx_fragment 
_entity.details 
1 polymer     man DODECIN                                                                                6722.342 1  ? YES 
'RESIDUES 11-58,61-74' 'LIGAND BOUND' 
2 non-polymer syn 'MAGNESIUM ION'                                                                        24.305   2  ? ?   ? ? 
3 non-polymer syn 'SODIUM ION'                                                                           22.990   1  ? ?   ? ? 
4 non-polymer syn '[4-(7,8-dimethyl-2,4-dioxo-3,4-dihydrobenzo[g]pteridin-10(2H)-yl)butyl]carbamic acid' 357.364  1  ? ?   ? ? 
5 non-polymer syn 'CHLORIDE ION'                                                                         35.453   1  ? ?   ? ? 
6 non-polymer syn 'SULFATE ION'                                                                          96.063   1  ? ?   ? ? 
7 water       nat water                                                                                  18.015   86 ? ?   ? ? 
# 
_entity_poly.entity_id                      1 
_entity_poly.type                           'polypeptide(L)' 
_entity_poly.nstd_linkage                   no 
_entity_poly.nstd_monomer                   no 
_entity_poly.pdbx_seq_one_letter_code       VFKKVLLTGTSEESFTAAADDAIDRAEDTLDNVVWAEVVDQGVAIGAVRTYQTEVQVAFELD 
_entity_poly.pdbx_seq_one_letter_code_can   VFKKVLLTGTSEESFTAAADDAIDRAEDTLDNVVWAEVVDQGVAIGAVRTYQTEVQVAFELD 
_entity_poly.pdbx_strand_id                 A 
_entity_poly.pdbx_target_identifier         ? 
# 
loop_
_entity_poly_seq.entity_id 
_entity_poly_seq.num 
_entity_poly_seq.mon_id 
_entity_poly_seq.hetero 
1 1  VAL n 
1 2  PHE n 
1 3  LYS n 
1 4  LYS n 
1 5  VAL n 
1 6  LEU n 
1 7  LEU n 
1 8  THR n 
1 9  GLY n 
1 10 THR n 
1 11 SER n 
1 12 GLU n 
1 13 GLU n 
1 14 SER n 
1 15 PHE n 
1 16 THR n 
1 17 ALA n 
1 18 ALA n 
1 19 ALA n 
1 20 ASP n 
1 21 ASP n 
1 22 ALA n 
1 23 ILE n 
1 24 ASP n 
1 25 ARG n 
1 26 ALA n 
1 27 GLU n 
1 28 ASP n 
1 29 THR n 
1 30 LEU n 
1 31 ASP n 
1 32 ASN n 
1 33 VAL n 
1 34 VAL n 
1 35 TRP n 
1 36 ALA n 
1 37 GLU n 
1 38 VAL n 
1 39 VAL n 
1 40 ASP n 
1 41 GLN n 
1 42 GLY n 
1 43 VAL n 
1 44 ALA n 
1 45 ILE n 
1 46 GLY n 
1 47 ALA n 
1 48 VAL n 
1 49 ARG n 
1 50 THR n 
1 51 TYR n 
1 52 GLN n 
1 53 THR n 
1 54 GLU n 
1 55 VAL n 
1 56 GLN n 
1 57 VAL n 
1 58 ALA n 
1 59 PHE n 
1 60 GLU n 
1 61 LEU n 
1 62 ASP n 
# 
_entity_src_gen.entity_id                          1 
_entity_src_gen.pdbx_src_id                        1 
_entity_src_gen.pdbx_alt_source_flag               sample 
_entity_src_gen.pdbx_seq_type                      ? 
_entity_src_gen.pdbx_beg_seq_num                   ? 
_entity_src_gen.pdbx_end_seq_num                   ? 
_entity_src_gen.gene_src_common_name               ? 
_entity_src_gen.gene_src_genus                     ? 
_entity_src_gen.pdbx_gene_src_gene                 ? 
_entity_src_gen.gene_src_species                   ? 
_entity_src_gen.gene_src_strain                    R1 
_entity_src_gen.gene_src_tissue                    ? 
_entity_src_gen.gene_src_tissue_fraction           ? 
_entity_src_gen.gene_src_details                   ? 
_entity_src_gen.pdbx_gene_src_fragment             ? 
_entity_src_gen.pdbx_gene_src_scientific_name      'HALOBACTERIUM SALINARUM' 
_entity_src_gen.pdbx_gene_src_ncbi_taxonomy_id     478009 
_entity_src_gen.pdbx_gene_src_variant              ? 
_entity_src_gen.pdbx_gene_src_cell_line            ? 
_entity_src_gen.pdbx_gene_src_atcc                 ? 
_entity_src_gen.pdbx_gene_src_organ                ? 
_entity_src_gen.pdbx_gene_src_organelle            ? 
_entity_src_gen.pdbx_gene_src_cell                 ? 
_entity_src_gen.pdbx_gene_src_cellular_location    ? 
_entity_src_gen.host_org_common_name               ? 
_entity_src_gen.pdbx_host_org_scientific_name      'ESCHERICHIA COLI' 
_entity_src_gen.pdbx_host_org_ncbi_taxonomy_id     469008 
_entity_src_gen.host_org_genus                     ? 
_entity_src_gen.pdbx_host_org_gene                 ? 
_entity_src_gen.pdbx_host_org_organ                ? 
_entity_src_gen.host_org_species                   ? 
_entity_src_gen.pdbx_host_org_tissue               ? 
_entity_src_gen.pdbx_host_org_tissue_fraction      ? 
_entity_src_gen.pdbx_host_org_strain               'BL21(DE3)' 
_entity_src_gen.pdbx_host_org_variant              ? 
_entity_src_gen.pdbx_host_org_cell_line            ? 
_entity_src_gen.pdbx_host_org_atcc                 ? 
_entity_src_gen.pdbx_host_org_culture_collection   ? 
_entity_src_gen.pdbx_host_org_cell                 ? 
_entity_src_gen.pdbx_host_org_organelle            ? 
_entity_src_gen.pdbx_host_org_cellular_location    ? 
_entity_src_gen.pdbx_host_org_vector_type          PLASMID 
_entity_src_gen.pdbx_host_org_vector               ? 
_entity_src_gen.host_org_details                   ? 
_entity_src_gen.expression_system_id               ? 
_entity_src_gen.plasmid_name                       PET22B 
_entity_src_gen.plasmid_details                    ? 
_entity_src_gen.pdbx_description                   'GERMAN COLLECTION OF MICROORGANISMS (DSM 671)' 
# 
_struct_ref.id                         1 
_struct_ref.db_name                    UNP 
_struct_ref.db_code                    Q9HPW4_HALSA 
_struct_ref.entity_id                  1 
_struct_ref.pdbx_seq_one_letter_code   ? 
_struct_ref.pdbx_align_begin           ? 
_struct_ref.pdbx_db_accession          Q9HPW4 
_struct_ref.pdbx_db_isoform            ? 
# 
loop_
_struct_ref_seq.align_id 
_struct_ref_seq.ref_id 
_struct_ref_seq.pdbx_PDB_id_code 
_struct_ref_seq.pdbx_strand_id 
_struct_ref_seq.seq_align_beg 
_struct_ref_seq.pdbx_seq_align_beg_ins_code 
_struct_ref_seq.seq_align_end 
_struct_ref_seq.pdbx_seq_align_end_ins_code 
_struct_ref_seq.pdbx_db_accession 
_struct_ref_seq.db_align_beg 
_struct_ref_seq.pdbx_db_align_beg_ins_code 
_struct_ref_seq.db_align_end 
_struct_ref_seq.pdbx_db_align_end_ins_code 
_struct_ref_seq.pdbx_auth_seq_align_beg 
_struct_ref_seq.pdbx_auth_seq_align_end 
1 1 2VKG A 1  ? 48 ? Q9HPW4 11 ? 58 ? 2  49 
2 1 2VKG A 49 ? 62 ? Q9HPW4 61 ? 74 ? 50 63 
# 
_struct_ref_seq_dif.align_id                     1 
_struct_ref_seq_dif.pdbx_pdb_id_code             2VKG 
_struct_ref_seq_dif.mon_id                       ALA 
_struct_ref_seq_dif.pdbx_pdb_strand_id           A 
_struct_ref_seq_dif.seq_num                      44 
_struct_ref_seq_dif.pdbx_pdb_ins_code            ? 
_struct_ref_seq_dif.pdbx_seq_db_name             UNP 
_struct_ref_seq_dif.pdbx_seq_db_accession_code   Q9HPW4 
_struct_ref_seq_dif.db_mon_id                    GLU 
_struct_ref_seq_dif.pdbx_seq_db_seq_num          54 
_struct_ref_seq_dif.details                      'engineered mutation' 
_struct_ref_seq_dif.pdbx_auth_seq_num            45 
_struct_ref_seq_dif.pdbx_ordinal                 1 
# 
loop_
_chem_comp.id 
_chem_comp.type 
_chem_comp.mon_nstd_flag 
_chem_comp.name 
_chem_comp.pdbx_synonyms 
_chem_comp.formula 
_chem_comp.formula_weight 
ALA 'L-peptide linking' y ALANINE                                                                                ? 'C3 H7 N O2' 
89.093  
ARG 'L-peptide linking' y ARGININE                                                                               ? 
'C6 H15 N4 O2 1' 175.209 
ASN 'L-peptide linking' y ASPARAGINE                                                                             ? 'C4 H8 N2 O3' 
132.118 
ASP 'L-peptide linking' y 'ASPARTIC ACID'                                                                        ? 'C4 H7 N O4' 
133.103 
CF4 non-polymer         . '[4-(7,8-dimethyl-2,4-dioxo-3,4-dihydrobenzo[g]pteridin-10(2H)-yl)butyl]carbamic acid' ? 'C17 H19 N5 O4' 
357.364 
CL  non-polymer         . 'CHLORIDE ION'                                                                         ? 'Cl -1' 35.453  
GLN 'L-peptide linking' y GLUTAMINE                                                                              ? 'C5 H10 N2 O3' 
146.144 
GLU 'L-peptide linking' y 'GLUTAMIC ACID'                                                                        ? 'C5 H9 N O4' 
147.129 
GLY 'peptide linking'   y GLYCINE                                                                                ? 'C2 H5 N O2' 
75.067  
HOH non-polymer         . WATER                                                                                  ? 'H2 O' 18.015  
ILE 'L-peptide linking' y ISOLEUCINE                                                                             ? 'C6 H13 N O2' 
131.173 
LEU 'L-peptide linking' y LEUCINE                                                                                ? 'C6 H13 N O2' 
131.173 
LYS 'L-peptide linking' y LYSINE                                                                                 ? 
'C6 H15 N2 O2 1' 147.195 
MG  non-polymer         . 'MAGNESIUM ION'                                                                        ? 'Mg 2' 24.305  
NA  non-polymer         . 'SODIUM ION'                                                                           ? 'Na 1' 22.990  
PHE 'L-peptide linking' y PHENYLALANINE                                                                          ? 'C9 H11 N O2' 
165.189 
SER 'L-peptide linking' y SERINE                                                                                 ? 'C3 H7 N O3' 
105.093 
SO4 non-polymer         . 'SULFATE ION'                                                                          ? 'O4 S -2' 
96.063  
THR 'L-peptide linking' y THREONINE                                                                              ? 'C4 H9 N O3' 
119.119 
TRP 'L-peptide linking' y TRYPTOPHAN                                                                             ? 'C11 H12 N2 O2' 
204.225 
TYR 'L-peptide linking' y TYROSINE                                                                               ? 'C9 H11 N O3' 
181.189 
VAL 'L-peptide linking' y VALINE                                                                                 ? 'C5 H11 N O2' 
117.146 
# 
_exptl.entry_id          2VKG 
_exptl.method            'X-RAY DIFFRACTION' 
_exptl.crystals_number   1 
# 
_exptl_crystal.id                    1 
_exptl_crystal.density_meas          ? 
_exptl_crystal.density_Matthews      3.52 
_exptl_crystal.density_percent_sol   64.82 
_exptl_crystal.description           NONE 
# 
_exptl_crystal_grow.crystal_id      1 
_exptl_crystal_grow.method          ? 
_exptl_crystal_grow.temp            ? 
_exptl_crystal_grow.temp_details    ? 
_exptl_crystal_grow.pH              7.5 
_exptl_crystal_grow.pdbx_pH_range   ? 
_exptl_crystal_grow.pdbx_details    '0.2 M MGCL2, 2 M NACL, 0.1 M HEPES, 30% PEG400, PH7.5' 
# 
_diffrn.id                     1 
_diffrn.ambient_temp           100 
_diffrn.ambient_temp_details   ? 
_diffrn.crystal_id             1 
# 
_diffrn_detector.diffrn_id              1 
_diffrn_detector.detector               CCD 
_diffrn_detector.type                   MARRESEARCH 
_diffrn_detector.pdbx_collection_date   2006-04-20 
_diffrn_detector.details                ? 
# 
_diffrn_radiation.diffrn_id                        1 
_diffrn_radiation.wavelength_id                    1 
_diffrn_radiation.pdbx_monochromatic_or_laue_m_l   M 
_diffrn_radiation.monochromator                    ? 
_diffrn_radiation.pdbx_diffrn_protocol             'SINGLE WAVELENGTH' 
_diffrn_radiation.pdbx_scattering_type             x-ray 
# 
_diffrn_radiation_wavelength.id           1 
_diffrn_radiation_wavelength.wavelength   0.976000 
_diffrn_radiation_wavelength.wt           1.0 
# 
_diffrn_source.diffrn_id                   1 
_diffrn_source.source                      SYNCHROTRON 
_diffrn_source.type                        'ESRF BEAMLINE BM14' 
_diffrn_source.pdbx_synchrotron_site       ESRF 
_diffrn_source.pdbx_synchrotron_beamline   BM14 
_diffrn_source.pdbx_wavelength             0.976000 
_diffrn_source.pdbx_wavelength_list        ? 
# 
_reflns.pdbx_diffrn_id               1 
_reflns.pdbx_ordinal                 1 
_reflns.entry_id                     2VKG 
_reflns.observed_criterion_sigma_I   3.0 
_reflns.observed_criterion_sigma_F   ? 
_reflns.d_resolution_low             20.00 
_reflns.d_resolution_high            1.80 
_reflns.number_obs                   107589 
_reflns.number_all                   ? 
_reflns.percent_possible_obs         97.1 
_reflns.pdbx_Rmerge_I_obs            0.10 
_reflns.pdbx_Rsym_value              ? 
_reflns.pdbx_netI_over_sigmaI        19.20 
_reflns.B_iso_Wilson_estimate        ? 
_reflns.pdbx_redundancy              9.2 
# 
_reflns_shell.pdbx_diffrn_id         1 
_reflns_shell.pdbx_ordinal           1 
_reflns_shell.d_res_high             1.80 
_reflns_shell.d_res_low              1.90 
_reflns_shell.percent_possible_all   96.7 
_reflns_shell.Rmerge_I_obs           0.58 
_reflns_shell.pdbx_Rsym_value        ? 
_reflns_shell.meanI_over_sigI_obs    3.40 
_reflns_shell.pdbx_redundancy        9.2 
# 
_refine.pdbx_refine_id                           'X-RAY DIFFRACTION' 
_refine.entry_id                                 2VKG 
_refine.pdbx_diffrn_id                           1 
_refine.pdbx_TLS_residual_ADP_flag               ? 
_refine.ls_number_reflns_obs                     11077 
_refine.ls_number_reflns_all                     ? 
_refine.pdbx_ls_sigma_I                          ? 
_refine.pdbx_ls_sigma_F                          ? 
_refine.pdbx_data_cutoff_high_absF               ? 
_refine.pdbx_data_cutoff_low_absF                ? 
_refine.pdbx_data_cutoff_high_rms_absF           ? 
_refine.ls_d_res_low                             19.75 
_refine.ls_d_res_high                            1.80 
_refine.ls_percent_reflns_obs                    98.3 
_refine.ls_R_factor_obs                          0.193 
_refine.ls_R_factor_all                          ? 
_refine.ls_R_factor_R_work                       0.192 
_refine.ls_R_factor_R_free                       0.213 
_refine.ls_R_factor_R_free_error                 ? 
_refine.ls_R_factor_R_free_error_details         ? 
_refine.ls_percent_reflns_R_free                 5.200 
_refine.ls_number_reflns_R_free                  602 
_refine.ls_number_parameters                     ? 
_refine.ls_number_restraints                     ? 
_refine.occupancy_min                            ? 
_refine.occupancy_max                            ? 
_refine.correlation_coeff_Fo_to_Fc               0.950 
_refine.correlation_coeff_Fo_to_Fc_free          0.948 
_refine.B_iso_mean                               19.36 
_refine.aniso_B[1][1]                            ? 
_refine.aniso_B[2][2]                            ? 
_refine.aniso_B[3][3]                            ? 
_refine.aniso_B[1][2]                            ? 
_refine.aniso_B[1][3]                            ? 
_refine.aniso_B[2][3]                            ? 
_refine.solvent_model_details                    MASK 
_refine.solvent_model_param_ksol                 ? 
_refine.solvent_model_param_bsol                 ? 
_refine.pdbx_solvent_vdw_probe_radii             1.40 
_refine.pdbx_solvent_ion_probe_radii             0.80 
_refine.pdbx_solvent_shrinkage_radii             0.80 
_refine.pdbx_ls_cross_valid_method               THROUGHOUT 
_refine.details                                  
;HYDROGENS HAVE BEEN ADDED IN THE RIDING POSITIONS. CRYSTALS WERE SOAKED WITH A FLAVIN-DNA HYBRID LIGAND. JUST THE ISOALLOXAZINE PART AS WELL AS THE ALIPHATIC PART IS VISIBLE IN DENSITY. BASES ARE NOT INCLUDED IN THE MODEL FOR THE LIGAND, BUT CAUSE SOME NOT EXPLAINED DENSITY IN BINDING POCKET.
;
_refine.pdbx_starting_model                      'PDB ENTRY 2CCC' 
_refine.pdbx_method_to_determine_struct          'MOLECULAR REPLACEMENT' 
_refine.pdbx_isotropic_thermal_model             ? 
_refine.pdbx_stereochemistry_target_values       'MAXIMUM LIKELIHOOD' 
_refine.pdbx_stereochem_target_val_spec_case     ? 
_refine.pdbx_R_Free_selection_details            RANDOM 
_refine.pdbx_overall_ESU_R                       0.093 
_refine.pdbx_overall_ESU_R_Free                  0.092 
_refine.overall_SU_ML                            ? 
_refine.pdbx_overall_phase_error                 ? 
_refine.overall_SU_B                             ? 
_refine.overall_SU_R_Cruickshank_DPI             ? 
_refine.pdbx_overall_SU_R_free_Cruickshank_DPI   ? 
_refine.pdbx_overall_SU_R_Blow_DPI               ? 
_refine.pdbx_overall_SU_R_free_Blow_DPI          ? 
# 
_refine_hist.pdbx_refine_id                   'X-RAY DIFFRACTION' 
_refine_hist.cycle_id                         LAST 
_refine_hist.pdbx_number_atoms_protein        473 
_refine_hist.pdbx_number_atoms_nucleic_acid   0 
_refine_hist.pdbx_number_atoms_ligand         35 
_refine_hist.number_atoms_solvent             86 
_refine_hist.number_atoms_total               594 
_refine_hist.d_res_high                       1.80 
_refine_hist.d_res_low                        19.75 
# 
loop_
_refine_ls_restr.type 
_refine_ls_restr.dev_ideal 
_refine_ls_restr.dev_ideal_target 
_refine_ls_restr.weight 
_refine_ls_restr.number 
_refine_ls_restr.pdbx_refine_id 
_refine_ls_restr.pdbx_restraint_function 
r_bond_refined_d             0.890  0.022  ? 524 'X-RAY DIFFRACTION' ? 
r_bond_other_d               ?      ?      ? ?   'X-RAY DIFFRACTION' ? 
r_angle_refined_deg          1.547  2.001  ? 720 'X-RAY DIFFRACTION' ? 
r_angle_other_deg            ?      ?      ? ?   'X-RAY DIFFRACTION' ? 
r_dihedral_angle_1_deg       7.112  5.000  ? 65  'X-RAY DIFFRACTION' ? 
r_dihedral_angle_2_deg       30.078 26.250 ? 24  'X-RAY DIFFRACTION' ? 
r_dihedral_angle_3_deg       11.069 15.000 ? 77  'X-RAY DIFFRACTION' ? 
r_dihedral_angle_4_deg       9.859  15.000 ? 2   'X-RAY DIFFRACTION' ? 
r_chiral_restr               0.112  0.200  ? 85  'X-RAY DIFFRACTION' ? 
r_gen_planes_refined         0.007  0.020  ? 397 'X-RAY DIFFRACTION' ? 
r_gen_planes_other           ?      ?      ? ?   'X-RAY DIFFRACTION' ? 
r_nbd_refined                0.212  0.200  ? 171 'X-RAY DIFFRACTION' ? 
r_nbd_other                  ?      ?      ? ?   'X-RAY DIFFRACTION' ? 
r_nbtor_refined              0.311  0.200  ? 354 'X-RAY DIFFRACTION' ? 
r_nbtor_other                ?      ?      ? ?   'X-RAY DIFFRACTION' ? 
r_xyhbond_nbd_refined        0.243  0.200  ? 55  'X-RAY DIFFRACTION' ? 
r_xyhbond_nbd_other          ?      ?      ? ?   'X-RAY DIFFRACTION' ? 
r_metal_ion_refined          ?      ?      ? ?   'X-RAY DIFFRACTION' ? 
r_metal_ion_other            ?      ?      ? ?   'X-RAY DIFFRACTION' ? 
r_symmetry_vdw_refined       0.192  0.200  ? 52  'X-RAY DIFFRACTION' ? 
r_symmetry_vdw_other         ?      ?      ? ?   'X-RAY DIFFRACTION' ? 
r_symmetry_hbond_refined     0.208  0.200  ? 24  'X-RAY DIFFRACTION' ? 
r_symmetry_hbond_other       ?      ?      ? ?   'X-RAY DIFFRACTION' ? 
r_symmetry_metal_ion_refined ?      ?      ? ?   'X-RAY DIFFRACTION' ? 
r_symmetry_metal_ion_other   ?      ?      ? ?   'X-RAY DIFFRACTION' ? 
r_mcbond_it                  0.878  1.500  ? 315 'X-RAY DIFFRACTION' ? 
r_mcbond_other               ?      ?      ? ?   'X-RAY DIFFRACTION' ? 
r_mcangle_it                 1.655  2.000  ? 512 'X-RAY DIFFRACTION' ? 
r_mcangle_other              ?      ?      ? ?   'X-RAY DIFFRACTION' ? 
r_scbond_it                  2.695  3.000  ? 209 'X-RAY DIFFRACTION' ? 
r_scbond_other               ?      ?      ? ?   'X-RAY DIFFRACTION' ? 
r_scangle_it                 3.950  4.500  ? 207 'X-RAY DIFFRACTION' ? 
r_scangle_other              ?      ?      ? ?   'X-RAY DIFFRACTION' ? 
r_long_range_B_refined       ?      ?      ? ?   'X-RAY DIFFRACTION' ? 
r_long_range_B_other         ?      ?      ? ?   'X-RAY DIFFRACTION' ? 
r_rigid_bond_restr           ?      ?      ? ?   'X-RAY DIFFRACTION' ? 
r_sphericity_free            ?      ?      ? ?   'X-RAY DIFFRACTION' ? 
r_sphericity_bonded          ?      ?      ? ?   'X-RAY DIFFRACTION' ? 
# 
_refine_ls_shell.pdbx_refine_id                   'X-RAY DIFFRACTION' 
_refine_ls_shell.pdbx_total_number_of_bins_used   20 
_refine_ls_shell.d_res_high                       1.80 
_refine_ls_shell.d_res_low                        1.85 
_refine_ls_shell.number_reflns_R_work             796 
_refine_ls_shell.R_factor_R_work                  0.2690 
_refine_ls_shell.percent_reflns_obs               ? 
_refine_ls_shell.R_factor_R_free                  0.3480 
_refine_ls_shell.R_factor_R_free_error            ? 
_refine_ls_shell.percent_reflns_R_free            ? 
_refine_ls_shell.number_reflns_R_free             39 
_refine_ls_shell.number_reflns_all                ? 
_refine_ls_shell.R_factor_all                     ? 
# 
_struct.entry_id                  2VKG 
_struct.title                     'COMPLEXES OF DODECIN WITH FLAVIN AND FLAVIN-LIKE LIGANDS' 
_struct.pdbx_model_details        ? 
_struct.pdbx_CASP_flag            ? 
_struct.pdbx_model_type_details   ? 
# 
_struct_keywords.entry_id        2VKG 
_struct_keywords.pdbx_keywords   'ELECTRON TRANSPORT' 
_struct_keywords.text            
'BIOTECHNOLOGICAL APPLICATION OF DODECIN BINDING PROPERTIES, FLAVIN-DNA LIGAND HYBRID, ELECTRON TRANSPORT' 
# 
loop_
_struct_asym.id 
_struct_asym.pdbx_blank_PDB_chainid_flag 
_struct_asym.pdbx_modified 
_struct_asym.entity_id 
_struct_asym.details 
A N N 1 ? 
B N N 2 ? 
C N N 2 ? 
D N N 3 ? 
E N N 4 ? 
F N N 5 ? 
G N N 6 ? 
H N N 7 ? 
# 
_struct_biol.id   1 
# 
_struct_conf.conf_type_id            HELX_P 
_struct_conf.id                      HELX_P1 
_struct_conf.pdbx_PDB_helix_id       1 
_struct_conf.beg_label_comp_id       SER 
_struct_conf.beg_label_asym_id       A 
_struct_conf.beg_label_seq_id        14 
_struct_conf.pdbx_beg_PDB_ins_code   ? 
_struct_conf.end_label_comp_id       LEU 
_struct_conf.end_label_asym_id       A 
_struct_conf.end_label_seq_id        30 
_struct_conf.pdbx_end_PDB_ins_code   ? 
_struct_conf.beg_auth_comp_id        SER 
_struct_conf.beg_auth_asym_id        A 
_struct_conf.beg_auth_seq_id         15 
_struct_conf.end_auth_comp_id        LEU 
_struct_conf.end_auth_asym_id        A 
_struct_conf.end_auth_seq_id         31 
_struct_conf.pdbx_PDB_helix_class    1 
_struct_conf.details                 ? 
_struct_conf.pdbx_PDB_helix_length   17 
# 
_struct_conf_type.id          HELX_P 
_struct_conf_type.criteria    ? 
_struct_conf_type.reference   ? 
# 
loop_
_struct_conn.id 
_struct_conn.conn_type_id 
_struct_conn.pdbx_leaving_atom_flag 
_struct_conn.pdbx_PDB_id 
_struct_conn.ptnr1_label_asym_id 
_struct_conn.ptnr1_label_comp_id 
_struct_conn.ptnr1_label_seq_id 
_struct_conn.ptnr1_label_atom_id 
_struct_conn.pdbx_ptnr1_label_alt_id 
_struct_conn.pdbx_ptnr1_PDB_ins_code 
_struct_conn.pdbx_ptnr1_standard_comp_id 
_struct_conn.ptnr1_symmetry 
_struct_conn.ptnr2_label_asym_id 
_struct_conn.ptnr2_label_comp_id 
_struct_conn.ptnr2_label_seq_id 
_struct_conn.ptnr2_label_atom_id 
_struct_conn.pdbx_ptnr2_label_alt_id 
_struct_conn.pdbx_ptnr2_PDB_ins_code 
_struct_conn.ptnr1_auth_asym_id 
_struct_conn.ptnr1_auth_comp_id 
_struct_conn.ptnr1_auth_seq_id 
_struct_conn.ptnr2_auth_asym_id 
_struct_conn.ptnr2_auth_comp_id 
_struct_conn.ptnr2_auth_seq_id 
_struct_conn.ptnr2_symmetry 
_struct_conn.pdbx_ptnr3_label_atom_id 
_struct_conn.pdbx_ptnr3_label_seq_id 
_struct_conn.pdbx_ptnr3_label_comp_id 
_struct_conn.pdbx_ptnr3_label_asym_id 
_struct_conn.pdbx_ptnr3_label_alt_id 
_struct_conn.pdbx_ptnr3_PDB_ins_code 
_struct_conn.details 
_struct_conn.pdbx_dist_value 
_struct_conn.pdbx_value_order 
_struct_conn.pdbx_role 
metalc1  metalc ? ? A GLU 13 OE2 ? ? ? 1_555  C MG  . MG ? ? A GLU 14   A MG  1062 1_555  ? ? ? ? ? ? ? 2.117 ? ? 
metalc2  metalc ? ? A ASP 40 OD2 ? ? ? 80_555 B MG  . MG ? ? A ASP 41   A MG  1061 1_555  ? ? ? ? ? ? ? 2.345 ? ? 
metalc3  metalc ? ? B MG  .  MG  ? ? ? 1_555  H HOH . O  ? ? A MG  1061 A HOH 2053 1_555  ? ? ? ? ? ? ? 2.343 ? ? 
metalc4  metalc ? ? B MG  .  MG  ? ? ? 1_555  H HOH . O  ? ? A MG  1061 A HOH 2055 1_555  ? ? ? ? ? ? ? 2.294 ? ? 
metalc5  metalc ? ? B MG  .  MG  ? ? ? 1_555  H HOH . O  ? ? A MG  1061 A HOH 2059 80_555 ? ? ? ? ? ? ? 2.258 ? ? 
metalc6  metalc ? ? B MG  .  MG  ? ? ? 1_555  H HOH . O  ? ? A MG  1061 A HOH 2078 80_555 ? ? ? ? ? ? ? 1.982 ? ? 
metalc7  metalc ? ? C MG  .  MG  ? ? ? 1_555  H HOH . O  ? ? A MG  1062 A HOH 2022 1_555  ? ? ? ? ? ? ? 2.461 ? ? 
metalc8  metalc ? ? C MG  .  MG  ? ? ? 1_555  H HOH . O  ? ? A MG  1062 A HOH 2023 1_555  ? ? ? ? ? ? ? 2.149 ? ? 
metalc9  metalc ? ? C MG  .  MG  ? ? ? 1_555  H HOH . O  ? ? A MG  1062 A HOH 2025 1_555  ? ? ? ? ? ? ? 2.145 ? ? 
metalc10 metalc ? ? C MG  .  MG  ? ? ? 1_555  H HOH . O  ? ? A MG  1062 A HOH 2030 24_555 ? ? ? ? ? ? ? 1.994 ? ? 
metalc11 metalc ? ? C MG  .  MG  ? ? ? 1_555  H HOH . O  ? ? A MG  1062 A HOH 2038 24_555 ? ? ? ? ? ? ? 2.155 ? ? 
metalc12 metalc ? ? D NA  .  NA  ? ? ? 1_555  H HOH . O  ? ? A NA  1063 A HOH 2011 80_555 ? ? ? ? ? ? ? 2.574 ? ? 
metalc13 metalc ? ? D NA  .  NA  ? ? ? 1_555  H HOH . O  ? ? A NA  1063 A HOH 2011 59_555 ? ? ? ? ? ? ? 2.574 ? ? 
metalc14 metalc ? ? D NA  .  NA  ? ? ? 1_555  H HOH . O  ? ? A NA  1063 A HOH 2011 1_555  ? ? ? ? ? ? ? 2.574 ? ? 
metalc15 metalc ? ? D NA  .  NA  ? ? ? 1_555  H HOH . O  ? ? A NA  1063 A HOH 2081 1_555  ? ? ? ? ? ? ? 2.336 ? ? 
metalc16 metalc ? ? D NA  .  NA  ? ? ? 1_555  H HOH . O  ? ? A NA  1063 A HOH 2081 80_555 ? ? ? ? ? ? ? 2.336 ? ? 
metalc17 metalc ? ? D NA  .  NA  ? ? ? 1_555  H HOH . O  ? ? A NA  1063 A HOH 2081 59_555 ? ? ? ? ? ? ? 2.336 ? ? 
# 
_struct_conn_type.id          metalc 
_struct_conn_type.criteria    ? 
_struct_conn_type.reference   ? 
# 
_struct_sheet.id               AA 
_struct_sheet.type             ? 
_struct_sheet.number_strands   3 
_struct_sheet.details          ? 
# 
loop_
_struct_sheet_order.sheet_id 
_struct_sheet_order.range_id_1 
_struct_sheet_order.range_id_2 
_struct_sheet_order.offset 
_struct_sheet_order.sense 
AA 1 2 ? anti-parallel 
AA 2 3 ? anti-parallel 
# 
loop_
_struct_sheet_range.sheet_id 
_struct_sheet_range.id 
_struct_sheet_range.beg_label_comp_id 
_struct_sheet_range.beg_label_asym_id 
_struct_sheet_range.beg_label_seq_id 
_struct_sheet_range.pdbx_beg_PDB_ins_code 
_struct_sheet_range.end_label_comp_id 
_struct_sheet_range.end_label_asym_id 
_struct_sheet_range.end_label_seq_id 
_struct_sheet_range.pdbx_end_PDB_ins_code 
_struct_sheet_range.beg_auth_comp_id 
_struct_sheet_range.beg_auth_asym_id 
_struct_sheet_range.beg_auth_seq_id 
_struct_sheet_range.end_auth_comp_id 
_struct_sheet_range.end_auth_asym_id 
_struct_sheet_range.end_auth_seq_id 
AA 1 PHE A 2  ? SER A 11 ? PHE A 3  SER A 12 
AA 2 ARG A 49 ? GLU A 60 ? ARG A 50 GLU A 61 
AA 3 VAL A 33 ? ILE A 45 ? VAL A 34 ILE A 46 
# 
loop_
_pdbx_struct_sheet_hbond.sheet_id 
_pdbx_struct_sheet_hbond.range_id_1 
_pdbx_struct_sheet_hbond.range_id_2 
_pdbx_struct_sheet_hbond.range_1_label_atom_id 
_pdbx_struct_sheet_hbond.range_1_label_comp_id 
_pdbx_struct_sheet_hbond.range_1_label_asym_id 
_pdbx_struct_sheet_hbond.range_1_label_seq_id 
_pdbx_struct_sheet_hbond.range_1_PDB_ins_code 
_pdbx_struct_sheet_hbond.range_1_auth_atom_id 
_pdbx_struct_sheet_hbond.range_1_auth_comp_id 
_pdbx_struct_sheet_hbond.range_1_auth_asym_id 
_pdbx_struct_sheet_hbond.range_1_auth_seq_id 
_pdbx_struct_sheet_hbond.range_2_label_atom_id 
_pdbx_struct_sheet_hbond.range_2_label_comp_id 
_pdbx_struct_sheet_hbond.range_2_label_asym_id 
_pdbx_struct_sheet_hbond.range_2_label_seq_id 
_pdbx_struct_sheet_hbond.range_2_PDB_ins_code 
_pdbx_struct_sheet_hbond.range_2_auth_atom_id 
_pdbx_struct_sheet_hbond.range_2_auth_comp_id 
_pdbx_struct_sheet_hbond.range_2_auth_asym_id 
_pdbx_struct_sheet_hbond.range_2_auth_seq_id 
AA 1 2 N SER A 11 ? N SER A 12 O TYR A 51 ? O TYR A 52 
AA 2 3 O ALA A 58 ? O ALA A 59 N VAL A 34 ? N VAL A 35 
# 
loop_
_struct_site.id 
_struct_site.pdbx_evidence_code 
_struct_site.pdbx_auth_asym_id 
_struct_site.pdbx_auth_comp_id 
_struct_site.pdbx_auth_seq_id 
_struct_site.pdbx_auth_ins_code 
_struct_site.pdbx_num_residues 
_struct_site.details 
AC1 Software A MG  1061 ? 5 'BINDING SITE FOR RESIDUE MG A 1061'  
AC2 Software A MG  1062 ? 6 'BINDING SITE FOR RESIDUE MG A 1062'  
AC3 Software A NA  1063 ? 9 'BINDING SITE FOR RESIDUE NA A 1063'  
AC4 Software A CL  1066 ? 9 'BINDING SITE FOR RESIDUE CL A 1066'  
AC5 Software A SO4 1068 ? 7 'BINDING SITE FOR RESIDUE SO4 A 1068' 
AC6 Software A CF4 1064 ? 7 'BINDING SITE FOR RESIDUE CF4 A 1064' 
# 
loop_
_struct_site_gen.id 
_struct_site_gen.site_id 
_struct_site_gen.pdbx_num_res 
_struct_site_gen.label_comp_id 
_struct_site_gen.label_asym_id 
_struct_site_gen.label_seq_id 
_struct_site_gen.pdbx_auth_ins_code 
_struct_site_gen.auth_comp_id 
_struct_site_gen.auth_asym_id 
_struct_site_gen.auth_seq_id 
_struct_site_gen.label_atom_id 
_struct_site_gen.label_alt_id 
_struct_site_gen.symmetry 
_struct_site_gen.details 
1  AC1 5 ASP A 40 ? ASP A 41   . ? 80_555 ? 
2  AC1 5 HOH H .  ? HOH A 2053 . ? 1_555  ? 
3  AC1 5 HOH H .  ? HOH A 2055 . ? 1_555  ? 
4  AC1 5 HOH H .  ? HOH A 2059 . ? 80_555 ? 
5  AC1 5 HOH H .  ? HOH A 2078 . ? 80_555 ? 
6  AC2 6 GLU A 13 ? GLU A 14   . ? 1_555  ? 
7  AC2 6 HOH H .  ? HOH A 2022 . ? 1_555  ? 
8  AC2 6 HOH H .  ? HOH A 2023 . ? 1_555  ? 
9  AC2 6 HOH H .  ? HOH A 2025 . ? 1_555  ? 
10 AC2 6 HOH H .  ? HOH A 2030 . ? 24_555 ? 
11 AC2 6 HOH H .  ? HOH A 2038 . ? 24_555 ? 
12 AC3 9 CL  F .  ? CL  A 1066 . ? 1_555  ? 
13 AC3 9 CL  F .  ? CL  A 1066 . ? 59_555 ? 
14 AC3 9 CL  F .  ? CL  A 1066 . ? 80_555 ? 
15 AC3 9 HOH H .  ? HOH A 2011 . ? 80_555 ? 
16 AC3 9 HOH H .  ? HOH A 2011 . ? 59_555 ? 
17 AC3 9 HOH H .  ? HOH A 2011 . ? 1_555  ? 
18 AC3 9 HOH H .  ? HOH A 2081 . ? 80_555 ? 
19 AC3 9 HOH H .  ? HOH A 2081 . ? 1_555  ? 
20 AC3 9 HOH H .  ? HOH A 2081 . ? 59_555 ? 
21 AC4 9 GLN A 56 ? GLN A 57   . ? 80_555 ? 
22 AC4 9 GLN A 56 ? GLN A 57   . ? 1_555  ? 
23 AC4 9 GLN A 56 ? GLN A 57   . ? 59_555 ? 
24 AC4 9 NA  D .  ? NA  A 1063 . ? 59_555 ? 
25 AC4 9 NA  D .  ? NA  A 1063 . ? 80_555 ? 
26 AC4 9 NA  D .  ? NA  A 1063 . ? 1_555  ? 
27 AC4 9 HOH H .  ? HOH A 2036 . ? 80_555 ? 
28 AC4 9 HOH H .  ? HOH A 2036 . ? 59_555 ? 
29 AC4 9 HOH H .  ? HOH A 2036 . ? 1_555  ? 
30 AC5 7 SER A 14 ? SER A 15   . ? 1_555  ? 
31 AC5 7 SER A 14 ? SER A 15   . ? 5_555  ? 
32 AC5 7 SER A 14 ? SER A 15   . ? 9_555  ? 
33 AC5 7 PHE A 15 ? PHE A 16   . ? 9_555  ? 
34 AC5 7 THR A 16 ? THR A 17   . ? 9_555  ? 
35 AC5 7 THR A 16 ? THR A 17   . ? 5_555  ? 
36 AC5 7 THR A 16 ? THR A 17   . ? 1_555  ? 
37 AC6 7 VAL A 34 ? VAL A 35   . ? 1_555  ? 
38 AC6 7 TRP A 35 ? TRP A 36   . ? 1_555  ? 
39 AC6 7 VAL A 43 ? VAL A 44   . ? 5_555  ? 
40 AC6 7 ALA A 44 ? ALA A 45   . ? 5_555  ? 
41 AC6 7 GLN A 52 ? GLN A 53   . ? 5_555  ? 
42 AC6 7 GLN A 52 ? GLN A 53   . ? 80_555 ? 
43 AC6 7 HOH H .  ? HOH A 2077 . ? 80_555 ? 
# 
_atom_sites.entry_id                    2VKG 
_atom_sites.fract_transf_matrix[1][1]   -0.00613405 
_atom_sites.fract_transf_matrix[1][2]   -0.00275569 
_atom_sites.fract_transf_matrix[1][3]   -0.00208693 
_atom_sites.fract_transf_matrix[2][1]   -0.00118411 
_atom_sites.fract_transf_matrix[2][2]   -0.00231857 
_atom_sites.fract_transf_matrix[2][3]   0.00654200 
_atom_sites.fract_transf_matrix[3][1]   -0.00324761 
_atom_sites.fract_transf_matrix[3][2]   0.00605030 
_atom_sites.fract_transf_matrix[3][3]   0.00155648 
_atom_sites.fract_transf_vector[1]      0.109563 
_atom_sites.fract_transf_vector[2]      0.109948 
_atom_sites.fract_transf_vector[3]      0.001180 
# 
loop_
_atom_type.symbol 
C  
CL 
MG 
N  
NA 
O  
S  
# 
loop_
_atom_site.group_PDB 
_atom_site.id 
_atom_site.type_symbol 
_atom_site.label_atom_id 
_atom_site.label_alt_id 
_atom_site.label_comp_id 
_atom_site.label_asym_id 
_atom_site.label_entity_id 
_atom_site.label_seq_id 
_atom_site.pdbx_PDB_ins_code 
_atom_site.Cartn_x 
_atom_site.Cartn_y 
_atom_site.Cartn_z 
_atom_site.occupancy 
_atom_site.B_iso_or_equiv 
_atom_site.pdbx_formal_charge 
_atom_site.auth_seq_id 
_atom_site.auth_comp_id 
_atom_site.auth_asym_id 
_atom_site.auth_atom_id 
_atom_site.pdbx_PDB_model_num 
ATOM   1   N  N     . VAL A 1 1  ? 16.814  -8.942  8.993   1.00 15.37 ? 2    VAL A N     1 
ATOM   2   C  CA    . VAL A 1 1  ? 16.668  -8.622  7.538   1.00 15.12 ? 2    VAL A CA    1 
ATOM   3   C  C     . VAL A 1 1  ? 15.222  -8.181  7.265   1.00 14.69 ? 2    VAL A C     1 
ATOM   4   O  O     . VAL A 1 1  ? 14.283  -8.823  7.727   1.00 15.19 ? 2    VAL A O     1 
ATOM   5   C  CB    . VAL A 1 1  ? 17.045  -9.827  6.615   1.00 15.75 ? 2    VAL A CB    1 
ATOM   6   C  CG1   . VAL A 1 1  ? 16.907  -9.456  5.136   1.00 15.11 ? 2    VAL A CG1   1 
ATOM   7   C  CG2   . VAL A 1 1  ? 18.479  -10.334 6.865   1.00 15.50 ? 2    VAL A CG2   1 
ATOM   8   N  N     . PHE A 1 2  ? 15.054  -7.074  6.537   1.00 13.63 ? 3    PHE A N     1 
ATOM   9   C  CA    . PHE A 1 2  ? 13.723  -6.628  6.094   1.00 13.19 ? 3    PHE A CA    1 
ATOM   10  C  C     . PHE A 1 2  ? 13.549  -6.938  4.626   1.00 13.11 ? 3    PHE A C     1 
ATOM   11  O  O     . PHE A 1 2  ? 14.522  -6.949  3.869   1.00 12.77 ? 3    PHE A O     1 
ATOM   12  C  CB    . PHE A 1 2  ? 13.531  -5.119  6.312   1.00 13.46 ? 3    PHE A CB    1 
ATOM   13  C  CG    . PHE A 1 2  ? 13.726  -4.689  7.743   1.00 15.80 ? 3    PHE A CG    1 
ATOM   14  C  CD1   . PHE A 1 2  ? 14.907  -4.050  8.137   1.00 16.58 ? 3    PHE A CD1   1 
ATOM   15  C  CD2   . PHE A 1 2  ? 12.746  -4.951  8.702   1.00 17.32 ? 3    PHE A CD2   1 
ATOM   16  C  CE1   . PHE A 1 2  ? 15.096  -3.647  9.500   1.00 18.28 ? 3    PHE A CE1   1 
ATOM   17  C  CE2   . PHE A 1 2  ? 12.921  -4.563  10.045  1.00 18.47 ? 3    PHE A CE2   1 
ATOM   18  C  CZ    . PHE A 1 2  ? 14.088  -3.914  10.442  1.00 18.42 ? 3    PHE A CZ    1 
ATOM   19  N  N     . LYS A 1 3  ? 12.307  -7.163  4.225   1.00 12.09 ? 4    LYS A N     1 
ATOM   20  C  CA    . LYS A 1 3  ? 12.005  -7.360  2.822   1.00 11.93 ? 4    LYS A CA    1 
ATOM   21  C  C     . LYS A 1 3  ? 10.883  -6.383  2.511   1.00 11.27 ? 4    LYS A C     1 
ATOM   22  O  O     . LYS A 1 3  ? 10.061  -6.084  3.386   1.00 11.76 ? 4    LYS A O     1 
ATOM   23  C  CB    . LYS A 1 3  ? 11.526  -8.790  2.596   1.00 11.77 ? 4    LYS A CB    1 
ATOM   24  C  CG    . LYS A 1 3  ? 11.260  -9.123  1.140   1.00 13.63 ? 4    LYS A CG    1 
ATOM   25  C  CD    . LYS A 1 3  ? 10.857  -10.585 1.007   1.00 17.48 ? 4    LYS A CD    1 
ATOM   26  C  CE    . LYS A 1 3  ? 10.450  -10.883 -0.416  1.00 22.49 ? 4    LYS A CE    1 
ATOM   27  N  NZ    . LYS A 1 3  ? 10.168  -12.339 -0.591  1.00 26.44 ? 4    LYS A NZ    1 
ATOM   28  N  N     . LYS A 1 4  ? 10.850  -5.882  1.280   1.00 11.13 ? 5    LYS A N     1 
ATOM   29  C  CA    . LYS A 1 4  ? 9.776   -4.981  0.845   1.00 10.75 ? 5    LYS A CA    1 
ATOM   30  C  C     . LYS A 1 4  ? 9.010   -5.594  -0.304  1.00 11.34 ? 5    LYS A C     1 
ATOM   31  O  O     . LYS A 1 4  ? 9.606   -6.222  -1.177  1.00 12.41 ? 5    LYS A O     1 
ATOM   32  C  CB    . LYS A 1 4  ? 10.330  -3.620  0.405   1.00 10.97 ? 5    LYS A CB    1 
ATOM   33  C  CG    . LYS A 1 4  ? 10.753  -2.745  1.586   1.00 10.91 ? 5    LYS A CG    1 
ATOM   34  C  CD    . LYS A 1 4  ? 11.544  -1.535  1.111   1.00 11.24 ? 5    LYS A CD    1 
ATOM   35  C  CE    . LYS A 1 4  ? 12.060  -0.731  2.294   1.00 14.99 ? 5    LYS A CE    1 
ATOM   36  N  NZ    . LYS A 1 4  ? 12.914  0.422   1.809   1.00 17.59 ? 5    LYS A NZ    1 
ATOM   37  N  N     A VAL A 1 5  ? 7.686   -5.428  -0.283  0.50 11.32 ? 6    VAL A N     1 
ATOM   38  N  N     B VAL A 1 5  ? 7.599   -5.468  -0.313  0.50 11.32 ? 6    VAL A N     1 
ATOM   39  C  CA    A VAL A 1 5  ? 6.845   -5.762  -1.432  0.50 11.72 ? 6    VAL A CA    1 
ATOM   40  C  CA    B VAL A 1 5  ? 6.758   -5.802  -1.462  0.50 11.72 ? 6    VAL A CA    1 
ATOM   41  C  C     A VAL A 1 5  ? 6.192   -4.487  -1.967  0.50 11.09 ? 6    VAL A C     1 
ATOM   42  C  C     B VAL A 1 5  ? 6.105   -4.526  -1.996  0.50 11.09 ? 6    VAL A C     1 
ATOM   43  O  O     A VAL A 1 5  ? 5.825   -3.587  -1.186  0.50 10.79 ? 6    VAL A O     1 
ATOM   44  O  O     B VAL A 1 5  ? 5.738   -3.626  -1.216  0.50 10.79 ? 6    VAL A O     1 
ATOM   45  C  CB    A VAL A 1 5  ? 5.759   -6.824  -1.114  0.50 12.05 ? 6    VAL A CB    1 
ATOM   46  C  CB    B VAL A 1 5  ? 5.672   -6.863  -1.143  0.50 12.05 ? 6    VAL A CB    1 
ATOM   47  C  CG1   A VAL A 1 5  ? 6.424   -8.192  -0.911  0.50 15.21 ? 6    VAL A CG1   1 
ATOM   48  C  CG1   B VAL A 1 5  ? 4.782   -7.069  -2.377  0.50 15.21 ? 6    VAL A CG1   1 
ATOM   49  C  CG2   A VAL A 1 5  ? 4.899   -6.409  0.097   0.50 13.01 ? 6    VAL A CG2   1 
ATOM   50  C  CG2   B VAL A 1 5  ? 6.298   -8.183  -0.650  0.50 13.01 ? 6    VAL A CG2   1 
ATOM   51  N  N     . LEU A 1 6  ? 6.053   -4.430  -3.292  1.00 10.54 ? 7    LEU A N     1 
ATOM   52  C  CA    . LEU A 1 6  ? 5.671   -3.200  -3.975  1.00 10.76 ? 7    LEU A CA    1 
ATOM   53  C  C     . LEU A 1 6  ? 4.188   -3.281  -4.339  1.00 10.80 ? 7    LEU A C     1 
ATOM   54  O  O     . LEU A 1 6  ? 3.801   -3.964  -5.287  1.00 11.20 ? 7    LEU A O     1 
ATOM   55  C  CB    . LEU A 1 6  ? 6.571   -2.958  -5.201  1.00 11.04 ? 7    LEU A CB    1 
ATOM   56  C  CG    . LEU A 1 6  ? 6.327   -1.663  -5.993  1.00 10.08 ? 7    LEU A CG    1 
ATOM   57  C  CD1   . LEU A 1 6  ? 6.475   -0.398  -5.117  1.00 11.81 ? 7    LEU A CD1   1 
ATOM   58  C  CD2   . LEU A 1 6  ? 7.267   -1.577  -7.242  1.00 9.40  ? 7    LEU A CD2   1 
ATOM   59  N  N     . LEU A 1 7  ? 3.365   -2.609  -3.539  1.00 10.66 ? 8    LEU A N     1 
ATOM   60  C  CA    . LEU A 1 7  ? 1.909   -2.737  -3.643  1.00 11.50 ? 8    LEU A CA    1 
ATOM   61  C  C     . LEU A 1 7  ? 1.250   -1.408  -3.944  1.00 11.34 ? 8    LEU A C     1 
ATOM   62  O  O     . LEU A 1 7  ? 1.638   -0.384  -3.390  1.00 11.13 ? 8    LEU A O     1 
ATOM   63  C  CB    . LEU A 1 7  ? 1.322   -3.271  -2.322  1.00 10.80 ? 8    LEU A CB    1 
ATOM   64  C  CG    . LEU A 1 7  ? 1.811   -4.615  -1.766  1.00 12.62 ? 8    LEU A CG    1 
ATOM   65  C  CD1   . LEU A 1 7  ? 1.188   -4.902  -0.397  1.00 14.36 ? 8    LEU A CD1   1 
ATOM   66  C  CD2   . LEU A 1 7  ? 1.481   -5.735  -2.745  1.00 14.30 ? 8    LEU A CD2   1 
ATOM   67  N  N     . THR A 1 8  ? 0.219   -1.446  -4.776  1.00 11.61 ? 9    THR A N     1 
ATOM   68  C  CA    . THR A 1 8  ? -0.590  -0.264  -5.094  1.00 11.77 ? 9    THR A CA    1 
ATOM   69  C  C     . THR A 1 8  ? -1.970  -0.457  -4.479  1.00 12.30 ? 9    THR A C     1 
ATOM   70  O  O     . THR A 1 8  ? -2.714  -1.367  -4.867  1.00 12.25 ? 9    THR A O     1 
ATOM   71  C  CB    . THR A 1 8  ? -0.696  -0.016  -6.607  1.00 12.39 ? 9    THR A CB    1 
ATOM   72  O  OG1   . THR A 1 8  ? 0.624   0.199   -7.121  1.00 12.64 ? 9    THR A OG1   1 
ATOM   73  C  CG2   . THR A 1 8  ? -1.546  1.251   -6.916  1.00 13.37 ? 9    THR A CG2   1 
ATOM   74  N  N     . GLY A 1 9  ? -2.265  0.366   -3.479  1.00 12.15 ? 10   GLY A N     1 
ATOM   75  C  CA    . GLY A 1 9  ? -3.581  0.340   -2.838  1.00 12.11 ? 10   GLY A CA    1 
ATOM   76  C  C     . GLY A 1 9  ? -4.519  1.297   -3.548  1.00 12.49 ? 10   GLY A C     1 
ATOM   77  O  O     . GLY A 1 9  ? -4.068  2.212   -4.244  1.00 11.92 ? 10   GLY A O     1 
ATOM   78  N  N     . THR A 1 10 ? -5.827  1.089   -3.371  1.00 12.65 ? 11   THR A N     1 
ATOM   79  C  CA    . THR A 1 10 ? -6.813  1.937   -4.047  1.00 13.18 ? 11   THR A CA    1 
ATOM   80  C  C     . THR A 1 10 ? -7.905  2.385   -3.087  1.00 13.84 ? 11   THR A C     1 
ATOM   81  O  O     . THR A 1 10 ? -8.252  1.658   -2.151  1.00 13.74 ? 11   THR A O     1 
ATOM   82  C  CB    . THR A 1 10 ? -7.456  1.237   -5.272  1.00 14.16 ? 11   THR A CB    1 
ATOM   83  O  OG1   . THR A 1 10 ? -8.355  0.208   -4.826  1.00 15.48 ? 11   THR A OG1   1 
ATOM   84  C  CG2   . THR A 1 10 ? -6.377  0.640   -6.194  1.00 15.44 ? 11   THR A CG2   1 
ATOM   85  N  N     . SER A 1 11 ? -8.469  3.561   -3.354  1.00 13.29 ? 12   SER A N     1 
ATOM   86  C  CA    . SER A 1 11 ? -9.558  4.093   -2.544  1.00 13.34 ? 12   SER A CA    1 
ATOM   87  C  C     . SER A 1 11 ? -10.358 5.055   -3.385  1.00 13.93 ? 12   SER A C     1 
ATOM   88  O  O     . SER A 1 11 ? -9.790  5.802   -4.169  1.00 14.77 ? 12   SER A O     1 
ATOM   89  C  CB    . SER A 1 11 ? -8.988  4.845   -1.340  1.00 13.04 ? 12   SER A CB    1 
ATOM   90  O  OG    . SER A 1 11 ? -10.011 5.472   -0.584  1.00 13.59 ? 12   SER A OG    1 
ATOM   91  N  N     . GLU A 1 12 ? -11.674 5.073   -3.173  1.00 13.80 ? 13   GLU A N     1 
ATOM   92  C  CA    . GLU A 1 12 ? -12.501 6.117   -3.771  1.00 14.31 ? 13   GLU A CA    1 
ATOM   93  C  C     . GLU A 1 12 ? -12.549 7.387   -2.918  1.00 13.58 ? 13   GLU A C     1 
ATOM   94  O  O     . GLU A 1 12 ? -13.255 8.332   -3.259  1.00 14.46 ? 13   GLU A O     1 
ATOM   95  C  CB    . GLU A 1 12 ? -13.913 5.589   -4.079  1.00 14.77 ? 13   GLU A CB    1 
ATOM   96  C  CG    . GLU A 1 12 ? -13.894 4.516   -5.177  1.00 18.73 ? 13   GLU A CG    1 
ATOM   97  C  CD    . GLU A 1 12 ? -15.260 3.934   -5.469  1.00 22.95 ? 13   GLU A CD    1 
ATOM   98  O  OE1   . GLU A 1 12 ? -16.278 4.570   -5.110  1.00 24.85 ? 13   GLU A OE1   1 
ATOM   99  O  OE2   . GLU A 1 12 ? -15.309 2.839   -6.061  1.00 24.16 ? 13   GLU A OE2   1 
ATOM   100 N  N     . GLU A 1 13 ? -11.767 7.414   -1.836  1.00 13.19 ? 14   GLU A N     1 
ATOM   101 C  CA    . GLU A 1 13 ? -11.789 8.535   -0.891  1.00 13.49 ? 14   GLU A CA    1 
ATOM   102 C  C     . GLU A 1 13 ? -10.543 9.414   -0.882  1.00 12.76 ? 14   GLU A C     1 
ATOM   103 O  O     . GLU A 1 13 ? -10.652 10.639  -1.000  1.00 12.57 ? 14   GLU A O     1 
ATOM   104 C  CB    . GLU A 1 13 ? -12.101 8.054   0.536   1.00 13.23 ? 14   GLU A CB    1 
ATOM   105 C  CG    . GLU A 1 13 ? -13.378 7.189   0.646   1.00 15.08 ? 14   GLU A CG    1 
ATOM   106 C  CD    . GLU A 1 13 ? -14.615 7.848   -0.006  1.00 15.41 ? 14   GLU A CD    1 
ATOM   107 O  OE1   . GLU A 1 13 ? -14.692 9.102   -0.071  1.00 13.99 ? 14   GLU A OE1   1 
ATOM   108 O  OE2   . GLU A 1 13 ? -15.506 7.089   -0.449  1.00 15.20 ? 14   GLU A OE2   1 
ATOM   109 N  N     . SER A 1 14 ? -9.359  8.825   -0.681  1.00 11.93 ? 15   SER A N     1 
ATOM   110 C  CA    . SER A 1 14 ? -8.163  9.658   -0.501  1.00 11.81 ? 15   SER A CA    1 
ATOM   111 C  C     . SER A 1 14 ? -6.890  8.882   -0.776  1.00 11.49 ? 15   SER A C     1 
ATOM   112 O  O     . SER A 1 14 ? -6.891  7.645   -0.767  1.00 10.43 ? 15   SER A O     1 
ATOM   113 C  CB    . SER A 1 14 ? -8.100  10.233  0.923   1.00 11.33 ? 15   SER A CB    1 
ATOM   114 O  OG    . SER A 1 14 ? -7.881  9.210   1.901   1.00 11.67 ? 15   SER A OG    1 
ATOM   115 N  N     . PHE A 1 15 ? -5.813  9.619   -1.009  1.00 10.93 ? 16   PHE A N     1 
ATOM   116 C  CA    . PHE A 1 15 ? -4.466  9.005   -1.079  1.00 10.91 ? 16   PHE A CA    1 
ATOM   117 C  C     . PHE A 1 15 ? -4.078  8.268   0.228   1.00 11.37 ? 16   PHE A C     1 
ATOM   118 O  O     . PHE A 1 15 ? -3.478  7.209   0.180   1.00 11.19 ? 16   PHE A O     1 
ATOM   119 C  CB    . PHE A 1 15 ? -3.410  10.074  -1.418  1.00 11.04 ? 16   PHE A CB    1 
ATOM   120 C  CG    . PHE A 1 15 ? -3.561  10.636  -2.796  1.00 11.16 ? 16   PHE A CG    1 
ATOM   121 C  CD1   . PHE A 1 15 ? -3.643  12.006  -2.987  1.00 10.47 ? 16   PHE A CD1   1 
ATOM   122 C  CD2   . PHE A 1 15 ? -3.589  9.783   -3.915  1.00 11.49 ? 16   PHE A CD2   1 
ATOM   123 C  CE1   . PHE A 1 15 ? -3.797  12.545  -4.273  1.00 12.34 ? 16   PHE A CE1   1 
ATOM   124 C  CE2   . PHE A 1 15 ? -3.740  10.311  -5.208  1.00 12.65 ? 16   PHE A CE2   1 
ATOM   125 C  CZ    . PHE A 1 15 ? -3.833  11.692  -5.389  1.00 10.63 ? 16   PHE A CZ    1 
ATOM   126 N  N     . THR A 1 16 ? -4.417  8.840   1.388   1.00 10.68 ? 17   THR A N     1 
ATOM   127 C  CA    . THR A 1 16 ? -4.129  8.167   2.678   1.00 10.50 ? 17   THR A CA    1 
ATOM   128 C  C     . THR A 1 16 ? -4.859  6.821   2.747   1.00 10.59 ? 17   THR A C     1 
ATOM   129 O  O     . THR A 1 16 ? -4.272  5.797   3.102   1.00 10.01 ? 17   THR A O     1 
ATOM   130 C  CB    . THR A 1 16 ? -4.494  9.057   3.904   1.00 10.32 ? 17   THR A CB    1 
ATOM   131 O  OG1   . THR A 1 16 ? -3.749  10.282  3.853   1.00 11.52 ? 17   THR A OG1   1 
ATOM   132 C  CG2   . THR A 1 16 ? -4.202  8.349   5.238   1.00 11.82 ? 17   THR A CG2   1 
ATOM   133 N  N     . ALA A 1 17 ? -6.146  6.824   2.406   1.00 11.07 ? 18   ALA A N     1 
ATOM   134 C  CA    . ALA A 1 17 ? -6.920  5.601   2.454   1.00 11.15 ? 18   ALA A CA    1 
ATOM   135 C  C     . ALA A 1 17 ? -6.388  4.657   1.390   1.00 11.80 ? 18   ALA A C     1 
ATOM   136 O  O     . ALA A 1 17 ? -6.518  3.521   1.527   1.00 11.22 ? 18   ALA A O     1 
ATOM   137 C  CB    . ALA A 1 17 ? -8.422  5.889   2.221   1.00 11.32 ? 18   ALA A CB    1 
ATOM   138 N  N     . ALA A 1 18 ? -5.822  5.066   0.283   1.00 11.08 ? 19   ALA A N     1 
ATOM   139 C  CA    . ALA A 1 18 ? -5.299  4.088   -0.703  1.00 11.17 ? 19   ALA A CA    1 
ATOM   140 C  C     . ALA A 1 18 ? -4.018  3.432   -0.142  1.00 10.26 ? 19   ALA A C     1 
ATOM   141 O  O     . ALA A 1 18 ? -3.816  2.229   -0.290  1.00 10.22 ? 19   ALA A O     1 
ATOM   142 C  CB    . ALA A 1 18 ? -5.032  4.751   -2.068  1.00 10.45 ? 19   ALA A CB    1 
ATOM   143 N  N     . ALA A 1 19 ? -3.199  4.206   0.572   1.00 10.14 ? 20   ALA A N     1 
ATOM   144 C  CA    . ALA A 1 19 ? -2.016  3.647   1.241   1.00 10.13 ? 20   ALA A CA    1 
ATOM   145 C  C     . ALA A 1 19 ? -2.461  2.578   2.255   1.00 10.72 ? 20   ALA A C     1 
ATOM   146 O  O     . ALA A 1 19 ? -1.921  1.476   2.293   1.00 10.25 ? 20   ALA A O     1 
ATOM   147 C  CB    . ALA A 1 19 ? -1.190  4.756   1.930   1.00 10.19 ? 20   ALA A CB    1 
ATOM   148 N  N     . ASP A 1 20 ? -3.497  2.888   3.038   1.00 10.82 ? 21   ASP A N     1 
ATOM   149 C  CA    . ASP A 1 20 ? -3.988  1.943   4.020   1.00 11.59 ? 21   ASP A CA    1 
ATOM   150 C  C     . ASP A 1 20 ? -4.419  0.591   3.368   1.00 11.65 ? 21   ASP A C     1 
ATOM   151 O  O     . ASP A 1 20 ? -4.310  -0.430  3.998   1.00 11.52 ? 21   ASP A O     1 
ATOM   152 C  CB    . ASP A 1 20 ? -5.196  2.559   4.723   1.00 11.57 ? 21   ASP A CB    1 
ATOM   153 C  CG    . ASP A 1 20 ? -4.824  3.424   5.923   1.00 14.63 ? 21   ASP A CG    1 
ATOM   154 O  OD1   . ASP A 1 20 ? -3.712  3.329   6.482   1.00 13.54 ? 21   ASP A OD1   1 
ATOM   155 O  OD2   . ASP A 1 20 ? -5.707  4.208   6.326   1.00 17.35 ? 21   ASP A OD2   1 
ATOM   156 N  N     . ASP A 1 21 ? -4.901  0.591   2.074   1.00 12.08 ? 22   ASP A N     1 
ATOM   157 C  CA    . ASP A 1 21 ? -5.606  -0.492  1.426   1.00 13.00 ? 22   ASP A CA    1 
ATOM   158 C  C     . ASP A 1 21 ? -4.476  -1.419  1.131   1.00 13.14 ? 22   ASP A C     1 
ATOM   159 O  O     . ASP A 1 21 ? -4.616  -2.634  1.309   1.00 13.59 ? 22   ASP A O     1 
ATOM   160 C  CB    . ASP A 1 21 ? -6.255  0.022   0.122   1.00 12.81 ? 22   ASP A CB    1 
ATOM   161 C  CG    . ASP A 1 21 ? -6.927  -1.052  -0.643  1.00 15.24 ? 22   ASP A CG    1 
ATOM   162 O  OD1   . ASP A 1 21 ? -7.804  -1.730  -0.074  1.00 14.31 ? 22   ASP A OD1   1 
ATOM   163 O  OD2   . ASP A 1 21 ? -6.581  -1.219  -1.822  1.00 15.05 ? 22   ASP A OD2   1 
ATOM   164 N  N     . ALA A 1 22 ? -3.341  -0.858  0.702   1.00 12.37 ? 23   ALA A N     1 
ATOM   165 C  CA    . ALA A 1 22 ? -2.159  -1.684  0.427   1.00 12.27 ? 23   ALA A CA    1 
ATOM   166 C  C     . ALA A 1 22 ? -1.619  -2.318  1.703   1.00 11.88 ? 23   ALA A C     1 
ATOM   167 O  O     . ALA A 1 22 ? -1.322  -3.509  1.738   1.00 12.85 ? 23   ALA A O     1 
ATOM   168 C  CB    . ALA A 1 22 ? -1.078  -0.861  -0.280  1.00 11.41 ? 23   ALA A CB    1 
ATOM   169 N  N     . ILE A 1 23 ? -1.536  -1.529  2.773   1.00 11.60 ? 24   ILE A N     1 
ATOM   170 C  CA    . ILE A 1 23 ? -1.027  -2.005  4.055   1.00 12.35 ? 24   ILE A CA    1 
ATOM   171 C  C     . ILE A 1 23 ? -1.953  -3.102  4.624   1.00 12.77 ? 24   ILE A C     1 
ATOM   172 O  O     . ILE A 1 23 ? -1.480  -4.116  5.120   1.00 12.84 ? 24   ILE A O     1 
ATOM   173 C  CB    . ILE A 1 23 ? -0.799  -0.845  5.054   1.00 12.39 ? 24   ILE A CB    1 
ATOM   174 C  CG1   . ILE A 1 23 ? 0.278   0.118   4.528   1.00 13.13 ? 24   ILE A CG1   1 
ATOM   175 C  CG2   . ILE A 1 23 ? -0.327  -1.381  6.429   1.00 13.95 ? 24   ILE A CG2   1 
ATOM   176 C  CD1   . ILE A 1 23 ? 0.350   1.450   5.359   1.00 13.67 ? 24   ILE A CD1   1 
ATOM   177 N  N     . ASP A 1 24 ? -3.263  -2.893  4.509   1.00 13.05 ? 25   ASP A N     1 
ATOM   178 C  CA    . ASP A 1 24 ? -4.275  -3.881  4.916   1.00 14.87 ? 25   ASP A CA    1 
ATOM   179 C  C     . ASP A 1 24 ? -3.994  -5.242  4.265   1.00 15.52 ? 25   ASP A C     1 
ATOM   180 O  O     . ASP A 1 24 ? -3.972  -6.284  4.951   1.00 15.86 ? 25   ASP A O     1 
ATOM   181 C  CB    . ASP A 1 24 ? -5.690  -3.420  4.495   1.00 14.06 ? 25   ASP A CB    1 
ATOM   182 C  CG    . ASP A 1 24 ? -6.260  -2.309  5.369   1.00 16.69 ? 25   ASP A CG    1 
ATOM   183 O  OD1   . ASP A 1 24 ? -5.679  -1.942  6.417   1.00 14.02 ? 25   ASP A OD1   1 
ATOM   184 O  OD2   . ASP A 1 24 ? -7.336  -1.791  4.978   1.00 17.37 ? 25   ASP A OD2   1 
ATOM   185 N  N     . ARG A 1 25 ? -3.762  -5.223  2.955   1.00 16.06 ? 26   ARG A N     1 
ATOM   186 C  CA    . ARG A 1 25 ? -3.490  -6.437  2.201   1.00 17.11 ? 26   ARG A CA    1 
ATOM   187 C  C     . ARG A 1 25 ? -2.196  -7.091  2.679   1.00 16.51 ? 26   ARG A C     1 
ATOM   188 O  O     . ARG A 1 25 ? -2.156  -8.305  2.885   1.00 17.07 ? 26   ARG A O     1 
ATOM   189 C  CB    . ARG A 1 25 ? -3.445  -6.158  0.693   1.00 17.38 ? 26   ARG A CB    1 
ATOM   190 C  CG    . ARG A 1 25 ? -3.343  -7.422  -0.170  1.00 21.26 ? 26   ARG A CG    1 
ATOM   191 C  CD    . ARG A 1 25 ? -4.567  -8.330  0.040   1.00 27.53 ? 26   ARG A CD    1 
ATOM   192 N  NE    . ARG A 1 25 ? -4.685  -9.360  -0.997  1.00 34.09 ? 26   ARG A NE    1 
ATOM   193 C  CZ    . ARG A 1 25 ? -3.962  -10.482 -1.043  1.00 36.08 ? 26   ARG A CZ    1 
ATOM   194 N  NH1   . ARG A 1 25 ? -3.045  -10.730 -0.113  1.00 37.32 ? 26   ARG A NH1   1 
ATOM   195 N  NH2   . ARG A 1 25 ? -4.149  -11.353 -2.032  1.00 36.18 ? 26   ARG A NH2   1 
ATOM   196 N  N     . ALA A 1 26 ? -1.140  -6.292  2.834   1.00 16.37 ? 27   ALA A N     1 
ATOM   197 C  CA    . ALA A 1 26 ? 0.135   -6.797  3.360   1.00 17.05 ? 27   ALA A CA    1 
ATOM   198 C  C     . ALA A 1 26 ? -0.063  -7.527  4.693   1.00 17.84 ? 27   ALA A C     1 
ATOM   199 O  O     . ALA A 1 26 ? 0.431   -8.648  4.880   1.00 17.65 ? 27   ALA A O     1 
ATOM   200 C  CB    . ALA A 1 26 ? 1.145   -5.658  3.521   1.00 16.63 ? 27   ALA A CB    1 
ATOM   201 N  N     . GLU A 1 27 ? -0.803  -6.895  5.608   1.00 18.48 ? 28   GLU A N     1 
ATOM   202 C  CA    . GLU A 1 27 ? -1.038  -7.447  6.945   1.00 20.31 ? 28   GLU A CA    1 
ATOM   203 C  C     . GLU A 1 27 ? -1.926  -8.692  6.926   1.00 21.49 ? 28   GLU A C     1 
ATOM   204 O  O     . GLU A 1 27 ? -1.869  -9.497  7.851   1.00 21.24 ? 28   GLU A O     1 
ATOM   205 C  CB    . GLU A 1 27 ? -1.632  -6.402  7.885   1.00 19.67 ? 28   GLU A CB    1 
ATOM   206 C  CG    . GLU A 1 27 ? -0.659  -5.293  8.232   1.00 19.83 ? 28   GLU A CG    1 
ATOM   207 C  CD    . GLU A 1 27 ? -1.207  -4.319  9.242   1.00 21.73 ? 28   GLU A CD    1 
ATOM   208 O  OE1   . GLU A 1 27 ? -2.438  -4.082  9.271   1.00 24.22 ? 28   GLU A OE1   1 
ATOM   209 O  OE2   . GLU A 1 27 ? -0.387  -3.782  10.030  1.00 22.34 ? 28   GLU A OE2   1 
ATOM   210 N  N     . ASP A 1 28 ? -2.743  -8.825  5.905   1.00 23.11 ? 29   ASP A N     1 
ATOM   211 C  CA    . ASP A 1 28 ? -3.540  -10.037 5.759   1.00 25.01 ? 29   ASP A CA    1 
ATOM   212 C  C     . ASP A 1 28 ? -2.664  -11.262 5.518   1.00 25.91 ? 29   ASP A C     1 
ATOM   213 O  O     . ASP A 1 28 ? -3.063  -12.332 5.755   1.00 26.15 ? 29   ASP A O     1 
ATOM   214 C  CB    . ASP A 1 28 ? -4.503  -9.967  4.606   1.00 25.59 ? 29   ASP A CB    1 
ATOM   215 C  CG    . ASP A 1 28 ? -5.663  -9.048  4.840   1.00 27.41 ? 29   ASP A CG    1 
ATOM   216 O  OD1   . ASP A 1 28 ? -5.849  -8.649  5.971   1.00 32.19 ? 29   ASP A OD1   1 
ATOM   217 O  OD2   . ASP A 1 28 ? -6.369  -8.718  3.935   1.00 30.26 ? 29   ASP A OD2   1 
ATOM   218 N  N     . THR A 1 29 ? -1.480  -11.068 4.985   1.00 26.81 ? 30   THR A N     1 
ATOM   219 C  CA    . THR A 1 29 ? -0.794  -12.085 4.244   1.00 28.40 ? 30   THR A CA    1 
ATOM   220 C  C     . THR A 1 29 ? 0.586   -12.293 4.868   1.00 28.51 ? 30   THR A C     1 
ATOM   221 O  O     . THR A 1 29 ? 1.139   -13.324 4.789   1.00 29.30 ? 30   THR A O     1 
ATOM   222 C  CB    . THR A 1 29 ? -0.620  -11.661 2.791   1.00 28.47 ? 30   THR A CB    1 
ATOM   223 O  OG1   . THR A 1 29 ? -1.881  -11.747 2.101   1.00 30.76 ? 30   THR A OG1   1 
ATOM   224 C  CG2   . THR A 1 29 ? 0.269   -12.502 2.217   1.00 30.12 ? 30   THR A CG2   1 
ATOM   225 N  N     . LEU A 1 30 ? 1.111   -11.264 5.497   1.00 27.61 ? 31   LEU A N     1 
ATOM   226 C  CA    . LEU A 1 30 ? 2.477   -11.229 5.992   1.00 27.34 ? 31   LEU A CA    1 
ATOM   227 C  C     . LEU A 1 30 ? 2.517   -10.990 7.486   1.00 27.14 ? 31   LEU A C     1 
ATOM   228 O  O     . LEU A 1 30 ? 1.673   -10.284 8.040   1.00 27.59 ? 31   LEU A O     1 
ATOM   229 C  CB    . LEU A 1 30 ? 3.295   -10.132 5.275   1.00 27.26 ? 31   LEU A CB    1 
ATOM   230 C  CG    . LEU A 1 30 ? 3.449   -10.218 3.754   1.00 26.86 ? 31   LEU A CG    1 
ATOM   231 C  CD1   . LEU A 1 30 ? 3.955   -8.892  3.179   1.00 27.56 ? 31   LEU A CD1   1 
ATOM   232 C  CD2   . LEU A 1 30 ? 4.353   -11.373 3.359   1.00 27.46 ? 31   LEU A CD2   1 
ATOM   233 N  N     . ASP A 1 31 ? 3.521   -11.569 8.135   1.00 26.85 ? 32   ASP A N     1 
ATOM   234 C  CA    . ASP A 1 31 ? 3.786   -11.283 9.529   1.00 26.96 ? 32   ASP A CA    1 
ATOM   235 C  C     . ASP A 1 31 ? 4.857   -10.202 9.628   1.00 25.43 ? 32   ASP A C     1 
ATOM   236 O  O     . ASP A 1 31 ? 5.722   -10.079 8.743   1.00 25.71 ? 32   ASP A O     1 
ATOM   237 C  CB    . ASP A 1 31 ? 4.273   -12.540 10.268  1.00 28.21 ? 32   ASP A CB    1 
ATOM   238 C  CG    . ASP A 1 31 ? 3.192   -13.610 10.392  1.00 32.48 ? 32   ASP A CG    1 
ATOM   239 O  OD1   . ASP A 1 31 ? 2.064   -13.292 10.857  1.00 36.08 ? 32   ASP A OD1   1 
ATOM   240 O  OD2   . ASP A 1 31 ? 3.475   -14.781 10.026  1.00 37.38 ? 32   ASP A OD2   1 
ATOM   241 N  N     . ASN A 1 32 ? 4.797   -9.454  10.725  1.00 23.29 ? 33   ASN A N     1 
ATOM   242 C  CA    . ASN A 1 32 ? 5.810   -8.472  11.103  1.00 21.92 ? 33   ASN A CA    1 
ATOM   243 C  C     . ASN A 1 32 ? 5.958   -7.321  10.107  1.00 19.52 ? 33   ASN A C     1 
ATOM   244 O  O     . ASN A 1 32 ? 7.082   -6.932  9.783   1.00 18.22 ? 33   ASN A O     1 
ATOM   245 C  CB    . ASN A 1 32 ? 7.184   -9.135  11.320  1.00 22.28 ? 33   ASN A CB    1 
ATOM   246 C  CG    . ASN A 1 32 ? 7.134   -10.302 12.304  1.00 26.13 ? 33   ASN A CG    1 
ATOM   247 O  OD1   . ASN A 1 32 ? 6.573   -10.187 13.392  1.00 30.75 ? 33   ASN A OD1   1 
ATOM   248 N  ND2   . ASN A 1 32 ? 7.735   -11.417 11.924  1.00 29.03 ? 33   ASN A ND2   1 
ATOM   249 N  N     . VAL A 1 33 ? 4.831   -6.801  9.628   1.00 17.60 ? 34   VAL A N     1 
ATOM   250 C  CA    . VAL A 1 33 ? 4.826   -5.589  8.792   1.00 16.16 ? 34   VAL A CA    1 
ATOM   251 C  C     . VAL A 1 33 ? 5.202   -4.399  9.678   1.00 15.90 ? 34   VAL A C     1 
ATOM   252 O  O     . VAL A 1 33 ? 4.564   -4.163  10.715  1.00 15.95 ? 34   VAL A O     1 
ATOM   253 C  CB    . VAL A 1 33 ? 3.448   -5.381  8.108   1.00 15.95 ? 34   VAL A CB    1 
ATOM   254 C  CG1   . VAL A 1 33 ? 3.408   -4.038  7.373   1.00 16.52 ? 34   VAL A CG1   1 
ATOM   255 C  CG2   . VAL A 1 33 ? 3.160   -6.519  7.128   1.00 16.36 ? 34   VAL A CG2   1 
ATOM   256 N  N     . VAL A 1 34 ? 6.228   -3.640  9.280   1.00 14.76 ? 35   VAL A N     1 
ATOM   257 C  CA    A VAL A 1 34 ? 6.761   -2.602  10.164  0.50 13.96 ? 35   VAL A CA    1 
ATOM   258 C  CA    B VAL A 1 34 ? 6.835   -2.617  10.150  0.50 15.07 ? 35   VAL A CA    1 
ATOM   259 C  C     . VAL A 1 34 ? 6.670   -1.180  9.635   1.00 14.54 ? 35   VAL A C     1 
ATOM   260 O  O     . VAL A 1 34 ? 6.488   -0.234  10.427  1.00 14.74 ? 35   VAL A O     1 
ATOM   261 C  CB    A VAL A 1 34 ? 8.192   -2.924  10.679  0.50 13.98 ? 35   VAL A CB    1 
ATOM   262 C  CB    B VAL A 1 34 ? 8.344   -2.926  10.418  0.50 15.39 ? 35   VAL A CB    1 
ATOM   263 C  CG1   A VAL A 1 34 ? 8.125   -3.978  11.794  0.50 12.84 ? 35   VAL A CG1   1 
ATOM   264 C  CG1   B VAL A 1 34 ? 8.940   -1.933  11.387  0.50 15.99 ? 35   VAL A CG1   1 
ATOM   265 C  CG2   A VAL A 1 34 ? 9.125   -3.352  9.531   0.50 10.96 ? 35   VAL A CG2   1 
ATOM   266 C  CG2   B VAL A 1 34 ? 8.510   -4.321  10.990  0.50 16.75 ? 35   VAL A CG2   1 
ATOM   267 N  N     . TRP A 1 35 ? 6.763   -1.009  8.322   1.00 13.25 ? 36   TRP A N     1 
ATOM   268 C  CA    . TRP A 1 35 ? 6.598   0.328   7.758   1.00 12.79 ? 36   TRP A CA    1 
ATOM   269 C  C     . TRP A 1 35 ? 6.269   0.296   6.277   1.00 12.74 ? 36   TRP A C     1 
ATOM   270 O  O     . TRP A 1 35 ? 6.345   -0.770  5.626   1.00 12.81 ? 36   TRP A O     1 
ATOM   271 C  CB    . TRP A 1 35 ? 7.815   1.220   8.052   1.00 13.96 ? 36   TRP A CB    1 
ATOM   272 C  CG    . TRP A 1 35 ? 8.992   1.076   7.114   1.00 14.00 ? 36   TRP A CG    1 
ATOM   273 C  CD1   . TRP A 1 35 ? 9.158   1.700   5.906   1.00 15.54 ? 36   TRP A CD1   1 
ATOM   274 C  CD2   . TRP A 1 35 ? 10.186  0.315   7.345   1.00 14.72 ? 36   TRP A CD2   1 
ATOM   275 N  NE1   . TRP A 1 35 ? 10.374  1.337   5.356   1.00 15.73 ? 36   TRP A NE1   1 
ATOM   276 C  CE2   . TRP A 1 35 ? 11.024  0.497   6.225   1.00 15.39 ? 36   TRP A CE2   1 
ATOM   277 C  CE3   . TRP A 1 35 ? 10.621  -0.525  8.388   1.00 14.48 ? 36   TRP A CE3   1 
ATOM   278 C  CZ2   . TRP A 1 35 ? 12.276  -0.140  6.110   1.00 16.63 ? 36   TRP A CZ2   1 
ATOM   279 C  CZ3   . TRP A 1 35 ? 11.871  -1.157  8.274   1.00 17.06 ? 36   TRP A CZ3   1 
ATOM   280 C  CH2   . TRP A 1 35 ? 12.681  -0.955  7.145   1.00 15.96 ? 36   TRP A CH2   1 
ATOM   281 N  N     . ALA A 1 36 ? 5.875   1.460   5.754   1.00 11.53 ? 37   ALA A N     1 
ATOM   282 C  CA    . ALA A 1 36 ? 5.595   1.609   4.331   1.00 10.64 ? 37   ALA A CA    1 
ATOM   283 C  C     . ALA A 1 36 ? 6.204   2.933   3.866   1.00 10.85 ? 37   ALA A C     1 
ATOM   284 O  O     . ALA A 1 36 ? 6.205   3.919   4.604   1.00 10.64 ? 37   ALA A O     1 
ATOM   285 C  CB    . ALA A 1 36 ? 4.103   1.624   4.061   1.00 10.62 ? 37   ALA A CB    1 
ATOM   286 N  N     . GLU A 1 37 ? 6.708   2.935   2.643   1.00 10.76 ? 38   GLU A N     1 
ATOM   287 C  CA    . GLU A 1 37 ? 7.233   4.153   2.019   1.00 10.46 ? 38   GLU A CA    1 
ATOM   288 C  C     . GLU A 1 37 ? 6.429   4.433   0.757   1.00 10.84 ? 38   GLU A C     1 
ATOM   289 O  O     . GLU A 1 37 ? 6.324   3.560   -0.106  1.00 9.80  ? 38   GLU A O     1 
ATOM   290 C  CB    . GLU A 1 37 ? 8.709   3.945   1.650   1.00 11.34 ? 38   GLU A CB    1 
ATOM   291 C  CG    . GLU A 1 37 ? 9.577   3.604   2.880   1.00 14.59 ? 38   GLU A CG    1 
ATOM   292 C  CD    . GLU A 1 37 ? 11.054  3.434   2.547   1.00 20.25 ? 38   GLU A CD    1 
ATOM   293 O  OE1   . GLU A 1 37 ? 11.565  4.183   1.678   1.00 23.22 ? 38   GLU A OE1   1 
ATOM   294 O  OE2   . GLU A 1 37 ? 11.699  2.556   3.173   1.00 20.56 ? 38   GLU A OE2   1 
ATOM   295 N  N     . VAL A 1 38 ? 5.855   5.633   0.656   1.00 11.20 ? 39   VAL A N     1 
ATOM   296 C  CA    . VAL A 1 38 ? 5.126   6.004   -0.557  1.00 10.50 ? 39   VAL A CA    1 
ATOM   297 C  C     . VAL A 1 38 ? 6.114   6.219   -1.717  1.00 11.13 ? 39   VAL A C     1 
ATOM   298 O  O     . VAL A 1 38 ? 7.092   6.954   -1.569  1.00 10.36 ? 39   VAL A O     1 
ATOM   299 C  CB    . VAL A 1 38 ? 4.283   7.281   -0.359  1.00 10.95 ? 39   VAL A CB    1 
ATOM   300 C  CG1   . VAL A 1 38 ? 3.614   7.669   -1.690  1.00 10.19 ? 39   VAL A CG1   1 
ATOM   301 C  CG2   . VAL A 1 38 ? 3.250   7.057   0.802   1.00 11.22 ? 39   VAL A CG2   1 
ATOM   302 N  N     . VAL A 1 39 ? 5.852   5.599   -2.844  1.00 10.90 ? 40   VAL A N     1 
ATOM   303 C  CA    . VAL A 1 39 ? 6.664   5.747   -4.016  1.00 13.37 ? 40   VAL A CA    1 
ATOM   304 C  C     . VAL A 1 39 ? 5.964   6.377   -5.223  1.00 14.13 ? 40   VAL A C     1 
ATOM   305 O  O     . VAL A 1 39 ? 6.593   6.836   -6.105  1.00 13.71 ? 40   VAL A O     1 
ATOM   306 C  CB    . VAL A 1 39 ? 7.446   4.466   -4.377  1.00 14.03 ? 40   VAL A CB    1 
ATOM   307 C  CG1   . VAL A 1 39 ? 8.358   4.094   -3.252  1.00 15.52 ? 40   VAL A CG1   1 
ATOM   308 C  CG2   . VAL A 1 39 ? 6.588   3.385   -4.643  1.00 15.33 ? 40   VAL A CG2   1 
ATOM   309 N  N     . ASP A 1 40 ? 4.644   6.393   -5.203  1.00 14.94 ? 41   ASP A N     1 
ATOM   310 C  CA    . ASP A 1 40 ? 3.888   6.991   -6.267  1.00 16.34 ? 41   ASP A CA    1 
ATOM   311 C  C     . ASP A 1 40 ? 2.430   7.148   -5.829  1.00 13.92 ? 41   ASP A C     1 
ATOM   312 O  O     . ASP A 1 40 ? 1.923   6.361   -5.089  1.00 12.46 ? 41   ASP A O     1 
ATOM   313 C  CB    . ASP A 1 40 ? 3.893   6.079   -7.469  1.00 19.41 ? 41   ASP A CB    1 
ATOM   314 C  CG    . ASP A 1 40 ? 4.261   6.770   -8.752  1.00 24.54 ? 41   ASP A CG    1 
ATOM   315 O  OD1   . ASP A 1 40 ? 4.509   7.947   -8.735  1.00 33.75 ? 41   ASP A OD1   1 
ATOM   316 O  OD2   . ASP A 1 40 ? 4.299   6.128   -9.783  1.00 37.77 ? 41   ASP A OD2   1 
ATOM   317 N  N     . GLN A 1 41 ? 1.798   8.106   -6.451  1.00 12.92 ? 42   GLN A N     1 
ATOM   318 C  CA    . GLN A 1 41 ? 0.376   8.318   -6.300  1.00 12.05 ? 42   GLN A CA    1 
ATOM   319 C  C     . GLN A 1 41 ? -0.253  8.688   -7.638  1.00 12.06 ? 42   GLN A C     1 
ATOM   320 O  O     . GLN A 1 41 ? 0.311   9.372   -8.414  1.00 11.55 ? 42   GLN A O     1 
ATOM   321 C  CB    . GLN A 1 41 ? 0.067   9.394   -5.258  1.00 12.06 ? 42   GLN A CB    1 
ATOM   322 C  CG    . GLN A 1 41 ? 0.606   9.117   -3.924  1.00 13.43 ? 42   GLN A CG    1 
ATOM   323 C  CD    . GLN A 1 41 ? 0.612   10.300  -3.000  1.00 17.52 ? 42   GLN A CD    1 
ATOM   324 O  OE1   . GLN A 1 41 ? 1.358   11.198  -3.171  1.00 22.14 ? 42   GLN A OE1   1 
ATOM   325 N  NE2   . GLN A 1 41 ? -0.150  10.228  -1.992  1.00 18.70 ? 42   GLN A NE2   1 
ATOM   326 N  N     . GLY A 1 42 ? -1.478  8.249   -7.820  1.00 11.96 ? 43   GLY A N     1 
ATOM   327 C  CA    . GLY A 1 42 ? -2.210  8.523   -9.044  1.00 11.59 ? 43   GLY A CA    1 
ATOM   328 C  C     . GLY A 1 42 ? -3.706  8.447   -8.850  1.00 11.41 ? 43   GLY A C     1 
ATOM   329 O  O     . GLY A 1 42 ? -4.191  8.132   -7.751  1.00 10.90 ? 43   GLY A O     1 
ATOM   330 N  N     . VAL A 1 43 ? -4.436  8.710   -9.934  1.00 11.81 ? 44   VAL A N     1 
ATOM   331 C  CA    . VAL A 1 43 ? -5.906  8.655   -9.914  1.00 11.52 ? 44   VAL A CA    1 
ATOM   332 C  C     . VAL A 1 43 ? -6.375  8.020   -11.220 1.00 12.95 ? 44   VAL A C     1 
ATOM   333 O  O     . VAL A 1 43 ? -5.991  8.471   -12.292 1.00 12.43 ? 44   VAL A O     1 
ATOM   334 C  CB    . VAL A 1 43 ? -6.531  10.060  -9.800  1.00 11.06 ? 44   VAL A CB    1 
ATOM   335 C  CG1   . VAL A 1 43 ? -8.086  9.981   -9.600  1.00 11.60 ? 44   VAL A CG1   1 
ATOM   336 C  CG2   . VAL A 1 43 ? -5.852  10.905  -8.705  1.00 11.64 ? 44   VAL A CG2   1 
ATOM   337 N  N     . ALA A 1 44 ? -7.163  6.944   -11.113 1.00 13.26 ? 45   ALA A N     1 
ATOM   338 C  CA    . ALA A 1 44 ? -7.850  6.365   -12.275 1.00 15.40 ? 45   ALA A CA    1 
ATOM   339 C  C     . ALA A 1 44 ? -9.164  7.121   -12.412 1.00 16.57 ? 45   ALA A C     1 
ATOM   340 O  O     . ALA A 1 44 ? -9.918  7.240   -11.445 1.00 16.32 ? 45   ALA A O     1 
ATOM   341 C  CB    . ALA A 1 44 ? -8.098  4.851   -12.080 1.00 15.76 ? 45   ALA A CB    1 
ATOM   342 N  N     . ILE A 1 45 ? -9.408  7.669   -13.597 1.00 18.76 ? 46   ILE A N     1 
ATOM   343 C  CA    . ILE A 1 45 ? -10.537 8.568   -13.808 1.00 20.35 ? 46   ILE A CA    1 
ATOM   344 C  C     . ILE A 1 45 ? -11.490 7.871   -14.771 1.00 22.71 ? 46   ILE A C     1 
ATOM   345 O  O     . ILE A 1 45 ? -11.246 7.818   -15.988 1.00 22.65 ? 46   ILE A O     1 
ATOM   346 C  CB    . ILE A 1 45 ? -10.084 9.947   -14.328 1.00 20.44 ? 46   ILE A CB    1 
ATOM   347 C  CG1   . ILE A 1 45 ? -8.959  10.515  -13.446 1.00 18.05 ? 46   ILE A CG1   1 
ATOM   348 C  CG2   . ILE A 1 45 ? -11.294 10.927  -14.387 1.00 21.13 ? 46   ILE A CG2   1 
ATOM   349 C  CD1   . ILE A 1 45 ? -8.164  11.641  -14.107 1.00 19.64 ? 46   ILE A CD1   1 
ATOM   350 N  N     . GLY A 1 46 ? -12.536 7.265   -14.201 1.00 23.64 ? 47   GLY A N     1 
ATOM   351 C  CA    . GLY A 1 46 ? -13.616 6.635   -14.979 1.00 25.74 ? 47   GLY A CA    1 
ATOM   352 C  C     . GLY A 1 46 ? -15.009 7.152   -14.634 1.00 25.85 ? 47   GLY A C     1 
ATOM   353 O  O     . GLY A 1 46 ? -15.251 8.358   -14.630 1.00 26.95 ? 47   GLY A O     1 
ATOM   354 N  N     . ALA A 1 47 ? -15.922 6.211   -14.353 1.00 26.50 ? 48   ALA A N     1 
ATOM   355 C  CA    . ALA A 1 47 ? -17.250 6.517   -13.792 1.00 26.00 ? 48   ALA A CA    1 
ATOM   356 C  C     . ALA A 1 47 ? -17.088 7.270   -12.479 1.00 25.40 ? 48   ALA A C     1 
ATOM   357 O  O     . ALA A 1 47 ? -17.783 8.264   -12.223 1.00 25.68 ? 48   ALA A O     1 
ATOM   358 C  CB    . ALA A 1 47 ? -18.033 5.222   -13.566 1.00 26.73 ? 48   ALA A CB    1 
ATOM   359 N  N     . VAL A 1 48 ? -16.130 6.792   -11.677 1.00 23.92 ? 49   VAL A N     1 
ATOM   360 C  CA    . VAL A 1 48 ? -15.716 7.447   -10.432 1.00 22.34 ? 49   VAL A CA    1 
ATOM   361 C  C     . VAL A 1 48 ? -14.201 7.646   -10.467 1.00 20.45 ? 49   VAL A C     1 
ATOM   362 O  O     . VAL A 1 48 ? -13.528 7.084   -11.328 1.00 19.89 ? 49   VAL A O     1 
ATOM   363 C  CB    . VAL A 1 48 ? -16.097 6.631   -9.161  1.00 22.72 ? 49   VAL A CB    1 
ATOM   364 C  CG1   . VAL A 1 48 ? -17.628 6.421   -9.068  1.00 25.02 ? 49   VAL A CG1   1 
ATOM   365 C  CG2   . VAL A 1 48 ? -15.343 5.307   -9.085  1.00 22.66 ? 49   VAL A CG2   1 
ATOM   366 N  N     . ARG A 1 49 ? -13.668 8.435   -9.536  1.00 18.16 ? 50   ARG A N     1 
ATOM   367 C  CA    . ARG A 1 49 ? -12.217 8.554   -9.430  1.00 16.45 ? 50   ARG A CA    1 
ATOM   368 C  C     . ARG A 1 49 ? -11.746 7.578   -8.375  1.00 15.66 ? 50   ARG A C     1 
ATOM   369 O  O     . ARG A 1 49 ? -12.331 7.490   -7.299  1.00 14.91 ? 50   ARG A O     1 
ATOM   370 C  CB    . ARG A 1 49 ? -11.777 9.971   -9.084  1.00 16.31 ? 50   ARG A CB    1 
ATOM   371 C  CG    . ARG A 1 49 ? -12.214 10.975  -10.095 1.00 16.46 ? 50   ARG A CG    1 
ATOM   372 C  CD    . ARG A 1 49 ? -11.844 12.369  -9.694  1.00 17.12 ? 50   ARG A CD    1 
ATOM   373 N  NE    . ARG A 1 49 ? -12.397 13.324  -10.651 1.00 14.68 ? 50   ARG A NE    1 
ATOM   374 C  CZ    . ARG A 1 49 ? -12.366 14.646  -10.512 1.00 14.98 ? 50   ARG A CZ    1 
ATOM   375 N  NH1   . ARG A 1 49 ? -11.776 15.209  -9.450  1.00 13.22 ? 50   ARG A NH1   1 
ATOM   376 N  NH2   . ARG A 1 49 ? -12.916 15.402  -11.448 1.00 15.09 ? 50   ARG A NH2   1 
ATOM   377 N  N     . THR A 1 50 ? -10.695 6.843   -8.707  1.00 14.55 ? 51   THR A N     1 
ATOM   378 C  CA    . THR A 1 50 ? -10.073 5.923   -7.762  1.00 14.91 ? 51   THR A CA    1 
ATOM   379 C  C     . THR A 1 50 ? -8.645  6.391   -7.495  1.00 13.95 ? 51   THR A C     1 
ATOM   380 O  O     . THR A 1 50 ? -7.800  6.366   -8.393  1.00 13.30 ? 51   THR A O     1 
ATOM   381 C  CB    . THR A 1 50 ? -10.096 4.485   -8.300  1.00 15.30 ? 51   THR A CB    1 
ATOM   382 O  OG1   . THR A 1 50 ? -11.465 4.092   -8.548  1.00 17.73 ? 51   THR A OG1   1 
ATOM   383 C  CG2   . THR A 1 50 ? -9.437  3.510   -7.309  1.00 16.38 ? 51   THR A CG2   1 
ATOM   384 N  N     . TYR A 1 51 ? -8.404  6.833   -6.261  1.00 13.21 ? 52   TYR A N     1 
ATOM   385 C  CA    . TYR A 1 51 ? -7.090  7.290   -5.805  1.00 12.73 ? 52   TYR A CA    1 
ATOM   386 C  C     . TYR A 1 51 ? -6.244  6.062   -5.589  1.00 12.73 ? 52   TYR A C     1 
ATOM   387 O  O     . TYR A 1 51 ? -6.715  5.038   -5.084  1.00 12.52 ? 52   TYR A O     1 
ATOM   388 C  CB    . TYR A 1 51 ? -7.201  8.174   -4.533  1.00 12.93 ? 52   TYR A CB    1 
ATOM   389 C  CG    . TYR A 1 51 ? -8.224  9.237   -4.810  1.00 13.17 ? 52   TYR A CG    1 
ATOM   390 C  CD1   . TYR A 1 51 ? -9.551  9.061   -4.408  1.00 13.48 ? 52   TYR A CD1   1 
ATOM   391 C  CD2   . TYR A 1 51 ? -7.904  10.356  -5.573  1.00 10.51 ? 52   TYR A CD2   1 
ATOM   392 C  CE1   . TYR A 1 51 ? -10.521 9.985   -4.745  1.00 14.06 ? 52   TYR A CE1   1 
ATOM   393 C  CE2   . TYR A 1 51 ? -8.889  11.309  -5.912  1.00 13.40 ? 52   TYR A CE2   1 
ATOM   394 C  CZ    . TYR A 1 51 ? -10.192 11.103  -5.478  1.00 15.61 ? 52   TYR A CZ    1 
ATOM   395 O  OH    . TYR A 1 51 ? -11.198 11.989  -5.807  1.00 15.76 ? 52   TYR A OH    1 
ATOM   396 N  N     . GLN A 1 52 ? -5.013  6.144   -6.054  1.00 12.20 ? 53   GLN A N     1 
ATOM   397 C  CA    . GLN A 1 52 ? -4.063  5.066   -5.885  1.00 12.09 ? 53   GLN A CA    1 
ATOM   398 C  C     . GLN A 1 52 ? -2.794  5.593   -5.222  1.00 11.82 ? 53   GLN A C     1 
ATOM   399 O  O     . GLN A 1 52 ? -2.293  6.680   -5.533  1.00 11.89 ? 53   GLN A O     1 
ATOM   400 C  CB    . GLN A 1 52 ? -3.699  4.402   -7.228  1.00 12.61 ? 53   GLN A CB    1 
ATOM   401 C  CG    . GLN A 1 52 ? -4.913  3.942   -8.050  1.00 15.47 ? 53   GLN A CG    1 
ATOM   402 C  CD    . GLN A 1 52 ? -4.524  3.128   -9.256  1.00 18.61 ? 53   GLN A CD    1 
ATOM   403 O  OE1   . GLN A 1 52 ? -3.365  3.124   -9.660  1.00 21.28 ? 53   GLN A OE1   1 
ATOM   404 N  NE2   . GLN A 1 52 ? -5.490  2.430   -9.832  1.00 21.97 ? 53   GLN A NE2   1 
ATOM   405 N  N     . THR A 1 53 ? -2.294  4.797   -4.297  1.00 11.31 ? 54   THR A N     1 
ATOM   406 C  CA    . THR A 1 53 ? -1.049  5.071   -3.630  1.00 10.94 ? 54   THR A CA    1 
ATOM   407 C  C     . THR A 1 53 ? -0.210  3.815   -3.653  1.00 10.76 ? 54   THR A C     1 
ATOM   408 O  O     . THR A 1 53 ? -0.625  2.762   -3.145  1.00 10.44 ? 54   THR A O     1 
ATOM   409 C  CB    . THR A 1 53 ? -1.228  5.560   -2.165  1.00 11.45 ? 54   THR A CB    1 
ATOM   410 O  OG1   . THR A 1 53 ? -2.003  6.772   -2.144  1.00 11.76 ? 54   THR A OG1   1 
ATOM   411 C  CG2   . THR A 1 53 ? 0.144   5.816   -1.512  1.00 10.87 ? 54   THR A CG2   1 
ATOM   412 N  N     . GLU A 1 54 ? 0.973   3.935   -4.254  1.00 10.06 ? 55   GLU A N     1 
ATOM   413 C  CA    . GLU A 1 54 ? 1.881   2.826   -4.360  1.00 10.22 ? 55   GLU A CA    1 
ATOM   414 C  C     . GLU A 1 54 ? 2.878   2.948   -3.208  1.00 9.84  ? 55   GLU A C     1 
ATOM   415 O  O     . GLU A 1 54 ? 3.468   4.013   -2.989  1.00 10.15 ? 55   GLU A O     1 
ATOM   416 C  CB    . GLU A 1 54 ? 2.597   2.835   -5.714  1.00 10.92 ? 55   GLU A CB    1 
ATOM   417 C  CG    . GLU A 1 54 ? 3.509   1.618   -5.891  1.00 11.23 ? 55   GLU A CG    1 
ATOM   418 C  CD    . GLU A 1 54 ? 4.183   1.599   -7.230  1.00 14.06 ? 55   GLU A CD    1 
ATOM   419 O  OE1   . GLU A 1 54 ? 4.719   2.657   -7.623  1.00 14.97 ? 55   GLU A OE1   1 
ATOM   420 O  OE2   . GLU A 1 54 ? 4.167   0.535   -7.884  1.00 14.40 ? 55   GLU A OE2   1 
ATOM   421 N  N     . VAL A 1 55 ? 3.053   1.852   -2.480  1.00 9.74  ? 56   VAL A N     1 
ATOM   422 C  CA    . VAL A 1 55 ? 3.942   1.816   -1.315  1.00 10.32 ? 56   VAL A CA    1 
ATOM   423 C  C     . VAL A 1 55 ? 4.879   0.598   -1.362  1.00 10.53 ? 56   VAL A C     1 
ATOM   424 O  O     . VAL A 1 55 ? 4.472   -0.515  -1.766  1.00 10.56 ? 56   VAL A O     1 
ATOM   425 C  CB    . VAL A 1 55 ? 3.160   1.779   0.043   1.00 10.96 ? 56   VAL A CB    1 
ATOM   426 C  CG1   . VAL A 1 55 ? 2.702   3.173   0.457   1.00 11.31 ? 56   VAL A CG1   1 
ATOM   427 C  CG2   . VAL A 1 55 ? 1.987   0.804   -0.021  1.00 11.13 ? 56   VAL A CG2   1 
ATOM   428 N  N     . GLN A 1 56 ? 6.131   0.821   -0.956  1.00 10.39 ? 57   GLN A N     1 
ATOM   429 C  CA    . GLN A 1 56 ? 6.999   -0.283  -0.546  1.00 11.03 ? 57   GLN A CA    1 
ATOM   430 C  C     . GLN A 1 56 ? 6.622   -0.623  0.900   1.00 11.48 ? 57   GLN A C     1 
ATOM   431 O  O     . GLN A 1 56 ? 6.762   0.204   1.794   1.00 11.34 ? 57   GLN A O     1 
ATOM   432 C  CB    . GLN A 1 56 ? 8.488   0.083   -0.638  1.00 11.04 ? 57   GLN A CB    1 
ATOM   433 C  CG    . GLN A 1 56 ? 8.974   0.380   -2.054  1.00 12.15 ? 57   GLN A CG    1 
ATOM   434 C  CD    . GLN A 1 56 ? 9.273   -0.886  -2.868  1.00 11.47 ? 57   GLN A CD    1 
ATOM   435 O  OE1   . GLN A 1 56 ? 8.866   -2.002  -2.504  1.00 12.40 ? 57   GLN A OE1   1 
ATOM   436 N  NE2   . GLN A 1 56 ? 9.974   -0.705  -3.980  1.00 12.64 ? 57   GLN A NE2   1 
ATOM   437 N  N     . VAL A 1 57 ? 6.115   -1.840  1.118   1.00 12.23 ? 58   VAL A N     1 
ATOM   438 C  CA    . VAL A 1 57 ? 5.722   -2.280  2.461   1.00 12.58 ? 58   VAL A CA    1 
ATOM   439 C  C     . VAL A 1 57 ? 6.834   -3.199  3.003   1.00 12.52 ? 58   VAL A C     1 
ATOM   440 O  O     . VAL A 1 57 ? 7.117   -4.256  2.425   1.00 12.34 ? 58   VAL A O     1 
ATOM   441 C  CB    . VAL A 1 57 ? 4.336   -3.007  2.485   1.00 12.61 ? 58   VAL A CB    1 
ATOM   442 C  CG1   . VAL A 1 57 ? 3.950   -3.392  3.923   1.00 12.38 ? 58   VAL A CG1   1 
ATOM   443 C  CG2   . VAL A 1 57 ? 3.206   -2.124  1.876   1.00 13.07 ? 58   VAL A CG2   1 
ATOM   444 N  N     . ALA A 1 58 ? 7.481   -2.740  4.077   1.00 12.01 ? 59   ALA A N     1 
ATOM   445 C  CA    . ALA A 1 58 ? 8.605   -3.447  4.701   1.00 12.61 ? 59   ALA A CA    1 
ATOM   446 C  C     . ALA A 1 58 ? 8.106   -4.375  5.820   1.00 13.34 ? 59   ALA A C     1 
ATOM   447 O  O     . ALA A 1 58 ? 7.275   -3.988  6.655   1.00 12.48 ? 59   ALA A O     1 
ATOM   448 C  CB    . ALA A 1 58 ? 9.596   -2.455  5.259   1.00 12.44 ? 59   ALA A CB    1 
ATOM   449 N  N     . PHE A 1 59 ? 8.620   -5.593  5.819   1.00 14.04 ? 60   PHE A N     1 
ATOM   450 C  CA    . PHE A 1 59 ? 8.333   -6.548  6.884   1.00 15.27 ? 60   PHE A CA    1 
ATOM   451 C  C     . PHE A 1 59 ? 9.615   -7.243  7.315   1.00 16.34 ? 60   PHE A C     1 
ATOM   452 O  O     . PHE A 1 59 ? 10.546  -7.405  6.513   1.00 14.81 ? 60   PHE A O     1 
ATOM   453 C  CB    . PHE A 1 59 ? 7.224   -7.541  6.476   1.00 15.04 ? 60   PHE A CB    1 
ATOM   454 C  CG    . PHE A 1 59 ? 7.500   -8.317  5.213   1.00 16.62 ? 60   PHE A CG    1 
ATOM   455 C  CD1   . PHE A 1 59 ? 7.893   -9.653  5.273   1.00 16.54 ? 60   PHE A CD1   1 
ATOM   456 C  CD2   . PHE A 1 59 ? 7.291   -7.736  3.961   1.00 17.51 ? 60   PHE A CD2   1 
ATOM   457 C  CE1   . PHE A 1 59 ? 8.122   -10.390 4.100   1.00 17.00 ? 60   PHE A CE1   1 
ATOM   458 C  CE2   . PHE A 1 59 ? 7.522   -8.460  2.781   1.00 18.73 ? 60   PHE A CE2   1 
ATOM   459 C  CZ    . PHE A 1 59 ? 7.940   -9.794  2.858   1.00 16.47 ? 60   PHE A CZ    1 
ATOM   460 N  N     . GLU A 1 60 ? 9.676   -7.613  8.591   1.00 17.79 ? 61   GLU A N     1 
ATOM   461 C  CA    . GLU A 1 60 ? 10.853  -8.286  9.127   1.00 21.17 ? 61   GLU A CA    1 
ATOM   462 C  C     . GLU A 1 60 ? 10.787  -9.793  8.889   1.00 22.53 ? 61   GLU A C     1 
ATOM   463 O  O     . GLU A 1 60 ? 9.789   -10.446 9.204   1.00 21.86 ? 61   GLU A O     1 
ATOM   464 C  CB    . GLU A 1 60 ? 11.046  -7.958  10.612  1.00 21.50 ? 61   GLU A CB    1 
ATOM   465 C  CG    . GLU A 1 60 ? 12.416  -8.377  11.125  1.00 25.94 ? 61   GLU A CG    1 
ATOM   466 C  CD    . GLU A 1 60 ? 12.760  -7.769  12.466  1.00 32.12 ? 61   GLU A CD    1 
ATOM   467 O  OE1   . GLU A 1 60 ? 11.839  -7.478  13.262  1.00 33.57 ? 61   GLU A OE1   1 
ATOM   468 O  OE2   . GLU A 1 60 ? 13.975  -7.572  12.723  1.00 35.10 ? 61   GLU A OE2   1 
ATOM   469 N  N     . LEU A 1 61 ? 11.858  -10.330 8.314   1.00 24.54 ? 62   LEU A N     1 
ATOM   470 C  CA    . LEU A 1 61 ? 11.905  -11.738 7.948   1.00 27.28 ? 62   LEU A CA    1 
ATOM   471 C  C     . LEU A 1 61 ? 12.176  -12.649 9.159   1.00 29.75 ? 62   LEU A C     1 
ATOM   472 O  O     . LEU A 1 61 ? 12.895  -12.260 10.090  1.00 29.84 ? 62   LEU A O     1 
ATOM   473 C  CB    . LEU A 1 61 ? 12.948  -11.960 6.858   1.00 26.46 ? 62   LEU A CB    1 
ATOM   474 C  CG    . LEU A 1 61 ? 12.617  -11.452 5.456   1.00 25.91 ? 62   LEU A CG    1 
ATOM   475 C  CD1   . LEU A 1 61 ? 13.757  -11.820 4.517   1.00 23.97 ? 62   LEU A CD1   1 
ATOM   476 C  CD2   . LEU A 1 61 ? 11.295  -12.033 4.924   1.00 26.78 ? 62   LEU A CD2   1 
ATOM   477 N  N     . ASP A 1 62 ? 11.590  -13.854 9.094   1.00 33.04 ? 63   ASP A N     1 
ATOM   478 C  CA    . ASP A 1 62 ? 11.617  -14.940 10.111  1.00 36.12 ? 63   ASP A CA    1 
ATOM   479 C  C     . ASP A 1 62 ? 10.410  -14.966 11.060  1.00 36.84 ? 63   ASP A C     1 
ATOM   480 O  O     . ASP A 1 62 ? 10.306  -14.162 11.996  1.00 38.00 ? 63   ASP A O     1 
ATOM   481 C  CB    . ASP A 1 62 ? 12.965  -15.061 10.847  1.00 37.19 ? 63   ASP A CB    1 
ATOM   482 C  CG    . ASP A 1 62 ? 13.906  -16.042 10.160  1.00 41.21 ? 63   ASP A CG    1 
ATOM   483 O  OD1   . ASP A 1 62 ? 13.533  -16.548 9.070   1.00 46.27 ? 63   ASP A OD1   1 
ATOM   484 O  OD2   . ASP A 1 62 ? 15.010  -16.312 10.701  1.00 44.90 ? 63   ASP A OD2   1 
HETATM 485 MG MG    . MG  B 2 .  ? 15.641  3.581   2.787   1.00 40.17 ? 1061 MG  A MG    1 
HETATM 486 MG MG    . MG  C 2 .  ? -17.169 7.680   -1.617  1.00 51.48 ? 1062 MG  A MG    1 
HETATM 487 NA NA    . NA  D 3 .  ? 10.358  -5.042  -5.731  0.33 16.31 ? 1063 NA  A NA    1 
HETATM 488 O  O4    . CF4 E 4 .  ? 15.007  1.638   7.125   1.00 28.94 ? 1064 CF4 A O4    1 
HETATM 489 C  C4    . CF4 E 4 .  ? 14.517  1.471   8.228   1.00 28.79 ? 1064 CF4 A C4    1 
HETATM 490 N  N3    . CF4 E 4 .  ? 15.114  0.699   9.109   1.00 28.09 ? 1064 CF4 A N3    1 
HETATM 491 C  C2    . CF4 E 4 .  ? 14.575  0.512   10.301  1.00 28.62 ? 1064 CF4 A C2    1 
HETATM 492 O  O2    . CF4 E 4 .  ? 15.112  -0.195  11.117  1.00 30.95 ? 1064 CF4 A O2    1 
HETATM 493 N  N1    . CF4 E 4 .  ? 13.452  1.075   10.664  1.00 28.78 ? 1064 CF4 A N1    1 
HETATM 494 C  C4A   . CF4 E 4 .  ? 13.299  2.095   8.596   1.00 28.77 ? 1064 CF4 A C4A   1 
HETATM 495 C  C10   . CF4 E 4 .  ? 12.765  1.870   9.845   1.00 28.83 ? 1064 CF4 A C10   1 
HETATM 496 N  N5    . CF4 E 4 .  ? 12.685  2.883   7.747   1.00 28.59 ? 1064 CF4 A N5    1 
HETATM 497 C  C5A   . CF4 E 4 .  ? 11.549  3.475   8.039   1.00 27.94 ? 1064 CF4 A C5A   1 
HETATM 498 C  C6    . CF4 E 4 .  ? 10.974  4.285   7.090   1.00 28.22 ? 1064 CF4 A C6    1 
HETATM 499 C  C7    . CF4 E 4 .  ? 9.780   4.929   7.327   1.00 28.30 ? 1064 CF4 A C7    1 
HETATM 500 C  C7M   . CF4 E 4 .  ? 9.139   5.804   6.298   1.00 29.03 ? 1064 CF4 A C7M   1 
HETATM 501 C  C8    . CF4 E 4 .  ? 9.193   4.768   8.528   1.00 28.27 ? 1064 CF4 A C8    1 
HETATM 502 C  C8M   . CF4 E 4 .  ? 7.922   5.486   8.788   1.00 28.90 ? 1064 CF4 A C8M   1 
HETATM 503 C  C9    . CF4 E 4 .  ? 9.762   3.976   9.497   1.00 28.08 ? 1064 CF4 A C9    1 
HETATM 504 C  C9A   . CF4 E 4 .  ? 10.954  3.309   9.268   1.00 28.41 ? 1064 CF4 A C9A   1 
HETATM 505 N  N10   . CF4 E 4 .  ? 11.544  2.459   10.220  1.00 29.76 ? 1064 CF4 A N10   1 
HETATM 506 C  "C1'" . CF4 E 4 .  ? 10.986  2.279   11.569  1.00 30.22 ? 1064 CF4 A "C1'" 1 
HETATM 507 C  "C2'" . CF4 E 4 .  ? 10.021  1.136   11.872  1.00 36.76 ? 1064 CF4 A "C2'" 1 
HETATM 508 C  "C3'" . CF4 E 4 .  ? 9.142   1.386   13.116  1.00 40.00 ? 1064 CF4 A "C3'" 1 
HETATM 509 C  "C4'" . CF4 E 4 .  ? 7.649   1.026   12.994  1.00 43.44 ? 1064 CF4 A "C4'" 1 
HETATM 510 N  "N1'" . CF4 E 4 .  ? 7.269   0.628   14.337  1.00 46.90 ? 1064 CF4 A "N1'" 1 
HETATM 511 C  "C5'" . CF4 E 4 .  ? 6.604   1.334   15.223  1.00 48.42 ? 1064 CF4 A "C5'" 1 
HETATM 512 O  "O1'" . CF4 E 4 .  ? 6.307   0.856   16.559  1.00 49.83 ? 1064 CF4 A "O1'" 1 
HETATM 513 O  "O2'" . CF4 E 4 .  ? 6.174   2.421   14.985  1.00 48.82 ? 1064 CF4 A "O2'" 1 
HETATM 514 CL CL    . CL  F 5 .  ? 11.263  -2.567  -6.376  0.33 14.64 ? 1066 CL  A CL    1 
HETATM 515 S  S     . SO4 G 6 .  ? -4.656  13.115  2.007   0.33 26.45 ? 1068 SO4 A S     1 
HETATM 516 O  O1    . SO4 G 6 .  ? -5.286  11.800  2.099   0.33 21.23 ? 1068 SO4 A O1    1 
HETATM 517 O  O2    . SO4 G 6 .  ? -3.364  12.963  1.303   0.33 24.18 ? 1068 SO4 A O2    1 
HETATM 518 O  O3    . SO4 G 6 .  ? -5.487  14.022  1.225   0.33 21.00 ? 1068 SO4 A O3    1 
HETATM 519 O  O4    . SO4 G 6 .  ? -4.374  13.639  3.337   0.33 21.05 ? 1068 SO4 A O4    1 
HETATM 520 O  O     . HOH H 7 .  ? -10.481 13.538  5.226   0.33 41.94 ? 2001 HOH A O     1 
HETATM 521 O  O     . HOH H 7 .  ? 15.823  -6.861  10.475  1.00 30.89 ? 2002 HOH A O     1 
HETATM 522 O  O     . HOH H 7 .  ? 15.748  -11.328 9.892   1.00 29.66 ? 2003 HOH A O     1 
HETATM 523 O  O     . HOH H 7 .  ? 14.342  -13.865 0.798   1.00 20.00 ? 2004 HOH A O     1 
HETATM 524 O  O     . HOH H 7 .  ? 12.954  -14.024 -0.972  1.00 37.49 ? 2005 HOH A O     1 
HETATM 525 O  O     . HOH H 7 .  ? 12.212  -14.060 1.844   1.00 47.81 ? 2006 HOH A O     1 
HETATM 526 O  O     . HOH H 7 .  ? 9.446   -10.556 -3.241  1.00 42.85 ? 2007 HOH A O     1 
HETATM 527 O  O     . HOH H 7 .  ? 6.936   -12.338 0.261   1.00 20.00 ? 2008 HOH A O     1 
HETATM 528 O  O     . HOH H 7 .  ? 8.365   -13.571 1.601   1.00 40.00 ? 2009 HOH A O     1 
HETATM 529 O  O     . HOH H 7 .  ? 9.785   -13.499 -3.221  1.00 20.00 ? 2010 HOH A O     1 
HETATM 530 O  O     . HOH H 7 .  ? 9.497   -7.389  -5.119  0.33 20.48 ? 2011 HOH A O     1 
HETATM 531 O  O     . HOH H 7 .  ? 10.988  -7.943  -2.873  1.00 13.91 ? 2012 HOH A O     1 
HETATM 532 O  O     . HOH H 7 .  ? 1.002   1.582   -9.456  1.00 22.43 ? 2013 HOH A O     1 
HETATM 533 O  O     . HOH H 7 .  ? 2.614   -1.713  -7.097  1.00 13.47 ? 2014 HOH A O     1 
HETATM 534 O  O     . HOH H 7 .  ? -10.067 -0.883  -2.455  1.00 33.83 ? 2015 HOH A O     1 
HETATM 535 O  O     . HOH H 7 .  ? -11.079 1.245   -4.318  1.00 19.83 ? 2016 HOH A O     1 
HETATM 536 O  O     . HOH H 7 .  ? -9.924  -0.553  -7.456  1.00 44.30 ? 2017 HOH A O     1 
HETATM 537 O  O     . HOH H 7 .  ? -9.695  1.349   0.256   1.00 21.09 ? 2018 HOH A O     1 
HETATM 538 O  O     . HOH H 7 .  ? -11.184 3.657   0.998   1.00 22.93 ? 2019 HOH A O     1 
HETATM 539 O  O     . HOH H 7 .  ? -16.724 7.779   -5.668  1.00 25.12 ? 2020 HOH A O     1 
HETATM 540 O  O     . HOH H 7 .  ? -13.157 2.840   -1.775  1.00 26.85 ? 2021 HOH A O     1 
HETATM 541 O  O     . HOH H 7 .  ? -17.106 5.427   -2.604  1.00 22.38 ? 2022 HOH A O     1 
HETATM 542 O  O     . HOH H 7 .  ? -15.954 8.418   -3.229  1.00 18.96 ? 2023 HOH A O     1 
HETATM 543 O  O     . HOH H 7 .  ? -12.382 12.561  -0.449  1.00 20.00 ? 2024 HOH A O     1 
HETATM 544 O  O     . HOH H 7 .  ? -18.355 6.514   -0.263  1.00 31.06 ? 2025 HOH A O     1 
HETATM 545 O  O     . HOH H 7 .  ? -14.118 11.428  1.230   1.00 20.00 ? 2026 HOH A O     1 
HETATM 546 O  O     . HOH H 7 .  ? -10.252 9.254   3.607   1.00 17.69 ? 2027 HOH A O     1 
HETATM 547 O  O     . HOH H 7 .  ? 13.485  5.657   5.387   0.50 51.92 ? 2028 HOH A O     1 
HETATM 548 O  O     . HOH H 7 .  ? 5.604   9.792   -3.960  1.00 37.07 ? 2029 HOH A O     1 
HETATM 549 O  O     . HOH H 7 .  ? -7.950  3.867   5.246   1.00 19.52 ? 2030 HOH A O     1 
HETATM 550 O  O     . HOH H 7 .  ? -6.503  6.937   7.676   1.00 36.19 ? 2031 HOH A O     1 
HETATM 551 O  O     . HOH H 7 .  ? -6.806  1.796   8.390   1.00 36.08 ? 2032 HOH A O     1 
HETATM 552 O  O     . HOH H 7 .  ? -6.769  -4.500  1.183   1.00 23.48 ? 2033 HOH A O     1 
HETATM 553 O  O     . HOH H 7 .  ? -7.678  -2.411  -3.729  1.00 20.82 ? 2034 HOH A O     1 
HETATM 554 O  O     . HOH H 7 .  ? -9.191  -3.460  -1.245  1.00 41.17 ? 2035 HOH A O     1 
HETATM 555 O  O     . HOH H 7 .  ? 12.203  0.000   -7.045  0.33 25.81 ? 2036 HOH A O     1 
HETATM 556 O  O     . HOH H 7 .  ? -9.703  -2.901  6.062   1.00 42.74 ? 2037 HOH A O     1 
HETATM 557 O  O     . HOH H 7 .  ? -8.008  0.713   5.783   1.00 41.24 ? 2038 HOH A O     1 
HETATM 558 O  O     . HOH H 7 .  ? -8.792  -2.227  2.830   1.00 28.93 ? 2039 HOH A O     1 
HETATM 559 O  O     . HOH H 7 .  ? -4.806  -4.807  8.934   1.00 30.58 ? 2040 HOH A O     1 
HETATM 560 O  O     . HOH H 7 .  ? -1.628  -1.598  11.078  1.00 20.27 ? 2041 HOH A O     1 
HETATM 561 O  O     . HOH H 7 .  ? 1.663   -4.735  11.306  1.00 28.53 ? 2042 HOH A O     1 
HETATM 562 O  O     . HOH H 7 .  ? -7.224  -6.699  2.894   1.00 34.19 ? 2043 HOH A O     1 
HETATM 563 O  O     . HOH H 7 .  ? -5.633  -6.431  7.113   1.00 30.40 ? 2044 HOH A O     1 
HETATM 564 O  O     . HOH H 7 .  ? 0.456   -9.399  9.749   1.00 36.22 ? 2045 HOH A O     1 
HETATM 565 O  O     . HOH H 7 .  ? 6.175   -15.444 9.266   1.00 62.76 ? 2046 HOH A O     1 
HETATM 566 O  O     . HOH H 7 .  ? 5.373   -13.414 6.967   1.00 45.84 ? 2047 HOH A O     1 
HETATM 567 O  O     . HOH H 7 .  ? -0.592  -13.054 8.796   1.00 50.90 ? 2048 HOH A O     1 
HETATM 568 O  O     . HOH H 7 .  ? 3.070   -10.126 12.721  1.00 41.47 ? 2049 HOH A O     1 
HETATM 569 O  O     . HOH H 7 .  ? 7.172   -6.860  13.857  1.00 20.00 ? 2050 HOH A O     1 
HETATM 570 O  O     . HOH H 7 .  ? 4.956   -5.817  13.246  1.00 20.00 ? 2051 HOH A O     1 
HETATM 571 O  O     . HOH H 7 .  ? 2.104   -7.428  10.791  1.00 27.60 ? 2052 HOH A O     1 
HETATM 572 O  O     . HOH H 7 .  ? 14.080  3.778   1.050   1.00 27.67 ? 2053 HOH A O     1 
HETATM 573 O  O     . HOH H 7 .  ? 10.843  6.701   1.001   1.00 45.42 ? 2054 HOH A O     1 
HETATM 574 O  O     . HOH H 7 .  ? 14.011  3.202   4.356   1.00 28.23 ? 2055 HOH A O     1 
HETATM 575 O  O     . HOH H 7 .  ? 11.495  2.029   -0.561  1.00 25.89 ? 2056 HOH A O     1 
HETATM 576 O  O     . HOH H 7 .  ? 7.534   9.232   -0.528  1.00 34.88 ? 2057 HOH A O     1 
HETATM 577 O  O     . HOH H 7 .  ? 7.427   9.826   -5.581  1.00 45.39 ? 2058 HOH A O     1 
HETATM 578 O  O     . HOH H 7 .  ? 3.188   6.213   -12.592 1.00 37.37 ? 2059 HOH A O     1 
HETATM 579 O  O     . HOH H 7 .  ? 6.810   9.643   -7.767  1.00 20.00 ? 2060 HOH A O     1 
HETATM 580 O  O     . HOH H 7 .  ? -0.586  12.642  -0.352  0.33 21.10 ? 2061 HOH A O     1 
HETATM 581 O  O     . HOH H 7 .  ? 3.718   10.978  -4.982  1.00 33.83 ? 2062 HOH A O     1 
HETATM 582 O  O     . HOH H 7 .  ? 1.237   8.040   -10.822 1.00 30.37 ? 2063 HOH A O     1 
HETATM 583 O  O     . HOH H 7 .  ? 0.091   5.217   -8.679  1.00 34.94 ? 2064 HOH A O     1 
HETATM 584 O  O     . HOH H 7 .  ? -12.356 7.975   -18.544 1.00 54.08 ? 2065 HOH A O     1 
HETATM 585 O  O     . HOH H 7 .  ? -14.567 9.520   -17.070 1.00 20.00 ? 2066 HOH A O     1 
HETATM 586 O  O     . HOH H 7 .  ? -14.872 10.117  -12.808 1.00 20.00 ? 2067 HOH A O     1 
HETATM 587 O  O     . HOH H 7 .  ? -14.662 3.678   -12.381 1.00 29.92 ? 2068 HOH A O     1 
HETATM 588 O  O     . HOH H 7 .  ? -15.678 10.810  -8.821  1.00 31.60 ? 2069 HOH A O     1 
HETATM 589 O  O     . HOH H 7 .  ? -14.214 8.909   -6.169  1.00 25.66 ? 2070 HOH A O     1 
HETATM 590 O  O     . HOH H 7 .  ? -15.059 13.353  -8.438  1.00 27.18 ? 2071 HOH A O     1 
HETATM 591 O  O     . HOH H 7 .  ? -11.898 4.639   -11.318 1.00 21.57 ? 2072 HOH A O     1 
HETATM 592 O  O     . HOH H 7 .  ? -12.861 2.131   -7.286  1.00 33.22 ? 2073 HOH A O     1 
HETATM 593 O  O     . HOH H 7 .  ? -12.891 13.001  -4.710  1.00 20.00 ? 2074 HOH A O     1 
HETATM 594 O  O     . HOH H 7 .  ? -13.935 11.436  -5.798  1.00 30.22 ? 2075 HOH A O     1 
HETATM 595 O  O     . HOH H 7 .  ? -8.379  1.274   -9.767  1.00 44.04 ? 2076 HOH A O     1 
HETATM 596 O  O     . HOH H 7 .  ? -1.080  3.772   -9.739  1.00 32.42 ? 2077 HOH A O     1 
HETATM 597 O  O     . HOH H 7 .  ? 2.939   3.558   -9.336  1.00 32.10 ? 2078 HOH A O     1 
HETATM 598 O  O     . HOH H 7 .  ? 6.262   3.406   -9.212  1.00 32.45 ? 2079 HOH A O     1 
HETATM 599 O  O     . HOH H 7 .  ? 10.785  2.008   -5.192  1.00 31.23 ? 2080 HOH A O     1 
HETATM 600 O  O     . HOH H 7 .  ? 9.626   -4.457  -3.591  1.00 10.22 ? 2081 HOH A O     1 
HETATM 601 O  O     . HOH H 7 .  ? 7.779   -12.045 8.173   1.00 50.49 ? 2082 HOH A O     1 
HETATM 602 O  O     . HOH H 7 .  ? 13.997  -3.352  14.728  1.00 56.78 ? 2083 HOH A O     1 
HETATM 603 O  O     . HOH H 7 .  ? 10.037  -14.800 7.290   1.00 41.50 ? 2084 HOH A O     1 
HETATM 604 O  O     . HOH H 7 .  ? 8.319   -2.071  15.984  1.00 20.00 ? 2085 HOH A O     1 
HETATM 605 O  O     . HOH H 7 .  ? -7.662  13.143  3.641   0.33 31.16 ? 2086 HOH A O     1 
# 
loop_
_pdbx_poly_seq_scheme.asym_id 
_pdbx_poly_seq_scheme.entity_id 
_pdbx_poly_seq_scheme.seq_id 
_pdbx_poly_seq_scheme.mon_id 
_pdbx_poly_seq_scheme.ndb_seq_num 
_pdbx_poly_seq_scheme.pdb_seq_num 
_pdbx_poly_seq_scheme.auth_seq_num 
_pdbx_poly_seq_scheme.pdb_mon_id 
_pdbx_poly_seq_scheme.auth_mon_id 
_pdbx_poly_seq_scheme.pdb_strand_id 
_pdbx_poly_seq_scheme.pdb_ins_code 
_pdbx_poly_seq_scheme.hetero 
A 1 1  VAL 1  2  2  VAL VAL A . n 
A 1 2  PHE 2  3  3  PHE PHE A . n 
A 1 3  LYS 3  4  4  LYS LYS A . n 
A 1 4  LYS 4  5  5  LYS LYS A . n 
A 1 5  VAL 5  6  6  VAL VAL A . n 
A 1 6  LEU 6  7  7  LEU LEU A . n 
A 1 7  LEU 7  8  8  LEU LEU A . n 
A 1 8  THR 8  9  9  THR THR A . n 
A 1 9  GLY 9  10 10 GLY GLY A . n 
A 1 10 THR 10 11 11 THR THR A . n 
A 1 11 SER 11 12 12 SER SER A . n 
A 1 12 GLU 12 13 13 GLU GLU A . n 
A 1 13 GLU 13 14 14 GLU GLU A . n 
A 1 14 SER 14 15 15 SER SER A . n 
A 1 15 PHE 15 16 16 PHE PHE A . n 
A 1 16 THR 16 17 17 THR THR A . n 
A 1 17 ALA 17 18 18 ALA ALA A . n 
A 1 18 ALA 18 19 19 ALA ALA A . n 
A 1 19 ALA 19 20 20 ALA ALA A . n 
A 1 20 ASP 20 21 21 ASP ASP A . n 
A 1 21 ASP 21 22 22 ASP ASP A . n 
A 1 22 ALA 22 23 23 ALA ALA A . n 
A 1 23 ILE 23 24 24 ILE ILE A . n 
A 1 24 ASP 24 25 25 ASP ASP A . n 
A 1 25 ARG 25 26 26 ARG ARG A . n 
A 1 26 ALA 26 27 27 ALA ALA A . n 
A 1 27 GLU 27 28 28 GLU GLU A . n 
A 1 28 ASP 28 29 29 ASP ASP A . n 
A 1 29 THR 29 30 30 THR THR A . n 
A 1 30 LEU 30 31 31 LEU LEU A . n 
A 1 31 ASP 31 32 32 ASP ASP A . n 
A 1 32 ASN 32 33 33 ASN ASN A . n 
A 1 33 VAL 33 34 34 VAL VAL A . n 
A 1 34 VAL 34 35 35 VAL VAL A . n 
A 1 35 TRP 35 36 36 TRP TRP A . n 
A 1 36 ALA 36 37 37 ALA ALA A . n 
A 1 37 GLU 37 38 38 GLU GLU A . n 
A 1 38 VAL 38 39 39 VAL VAL A . n 
A 1 39 VAL 39 40 40 VAL VAL A . n 
A 1 40 ASP 40 41 41 ASP ASP A . n 
A 1 41 GLN 41 42 42 GLN GLN A . n 
A 1 42 GLY 42 43 43 GLY GLY A . n 
A 1 43 VAL 43 44 44 VAL VAL A . n 
A 1 44 ALA 44 45 45 ALA ALA A . n 
A 1 45 ILE 45 46 46 ILE ILE A . n 
A 1 46 GLY 46 47 47 GLY GLY A . n 
A 1 47 ALA 47 48 48 ALA ALA A . n 
A 1 48 VAL 48 49 49 VAL VAL A . n 
A 1 49 ARG 49 50 50 ARG ARG A . n 
A 1 50 THR 50 51 51 THR THR A . n 
A 1 51 TYR 51 52 52 TYR TYR A . n 
A 1 52 GLN 52 53 53 GLN GLN A . n 
A 1 53 THR 53 54 54 THR THR A . n 
A 1 54 GLU 54 55 55 GLU GLU A . n 
A 1 55 VAL 55 56 56 VAL VAL A . n 
A 1 56 GLN 56 57 57 GLN GLN A . n 
A 1 57 VAL 57 58 58 VAL VAL A . n 
A 1 58 ALA 58 59 59 ALA ALA A . n 
A 1 59 PHE 59 60 60 PHE PHE A . n 
A 1 60 GLU 60 61 61 GLU GLU A . n 
A 1 61 LEU 61 62 62 LEU LEU A . n 
A 1 62 ASP 62 63 63 ASP ASP A . n 
# 
loop_
_pdbx_nonpoly_scheme.asym_id 
_pdbx_nonpoly_scheme.entity_id 
_pdbx_nonpoly_scheme.mon_id 
_pdbx_nonpoly_scheme.ndb_seq_num 
_pdbx_nonpoly_scheme.pdb_seq_num 
_pdbx_nonpoly_scheme.auth_seq_num 
_pdbx_nonpoly_scheme.pdb_mon_id 
_pdbx_nonpoly_scheme.auth_mon_id 
_pdbx_nonpoly_scheme.pdb_strand_id 
_pdbx_nonpoly_scheme.pdb_ins_code 
B 2 MG  1  1061 1061 MG  MG  A . 
C 2 MG  1  1062 1062 MG  MG  A . 
D 3 NA  1  1063 1063 NA  NA  A . 
E 4 CF4 1  1064 1064 CF4 CF4 A . 
F 5 CL  1  1066 1066 CL  CL  A . 
G 6 SO4 1  1068 1068 SO4 SO4 A . 
H 7 HOH 1  2001 2001 HOH HOH A . 
H 7 HOH 2  2002 2002 HOH HOH A . 
H 7 HOH 3  2003 2003 HOH HOH A . 
H 7 HOH 4  2004 2004 HOH HOH A . 
H 7 HOH 5  2005 2005 HOH HOH A . 
H 7 HOH 6  2006 2006 HOH HOH A . 
H 7 HOH 7  2007 2007 HOH HOH A . 
H 7 HOH 8  2008 2008 HOH HOH A . 
H 7 HOH 9  2009 2009 HOH HOH A . 
H 7 HOH 10 2010 2010 HOH HOH A . 
H 7 HOH 11 2011 2011 HOH HOH A . 
H 7 HOH 12 2012 2012 HOH HOH A . 
H 7 HOH 13 2013 2013 HOH HOH A . 
H 7 HOH 14 2014 2014 HOH HOH A . 
H 7 HOH 15 2015 2015 HOH HOH A . 
H 7 HOH 16 2016 2016 HOH HOH A . 
H 7 HOH 17 2017 2017 HOH HOH A . 
H 7 HOH 18 2018 2018 HOH HOH A . 
H 7 HOH 19 2019 2019 HOH HOH A . 
H 7 HOH 20 2020 2020 HOH HOH A . 
H 7 HOH 21 2021 2021 HOH HOH A . 
H 7 HOH 22 2022 2022 HOH HOH A . 
H 7 HOH 23 2023 2023 HOH HOH A . 
H 7 HOH 24 2024 2024 HOH HOH A . 
H 7 HOH 25 2025 2025 HOH HOH A . 
H 7 HOH 26 2026 2026 HOH HOH A . 
H 7 HOH 27 2027 2027 HOH HOH A . 
H 7 HOH 28 2028 2028 HOH HOH A . 
H 7 HOH 29 2029 2029 HOH HOH A . 
H 7 HOH 30 2030 2030 HOH HOH A . 
H 7 HOH 31 2031 2031 HOH HOH A . 
H 7 HOH 32 2032 2032 HOH HOH A . 
H 7 HOH 33 2033 2033 HOH HOH A . 
H 7 HOH 34 2034 2034 HOH HOH A . 
H 7 HOH 35 2035 2035 HOH HOH A . 
H 7 HOH 36 2036 2036 HOH HOH A . 
H 7 HOH 37 2037 2037 HOH HOH A . 
H 7 HOH 38 2038 2038 HOH HOH A . 
H 7 HOH 39 2039 2039 HOH HOH A . 
H 7 HOH 40 2040 2040 HOH HOH A . 
H 7 HOH 41 2041 2041 HOH HOH A . 
H 7 HOH 42 2042 2042 HOH HOH A . 
H 7 HOH 43 2043 2043 HOH HOH A . 
H 7 HOH 44 2044 2044 HOH HOH A . 
H 7 HOH 45 2045 2045 HOH HOH A . 
H 7 HOH 46 2046 2046 HOH HOH A . 
H 7 HOH 47 2047 2047 HOH HOH A . 
H 7 HOH 48 2048 2048 HOH HOH A . 
H 7 HOH 49 2049 2049 HOH HOH A . 
H 7 HOH 50 2050 2050 HOH HOH A . 
H 7 HOH 51 2051 2051 HOH HOH A . 
H 7 HOH 52 2052 2052 HOH HOH A . 
H 7 HOH 53 2053 2053 HOH HOH A . 
H 7 HOH 54 2054 2054 HOH HOH A . 
H 7 HOH 55 2055 2055 HOH HOH A . 
H 7 HOH 56 2056 2056 HOH HOH A . 
H 7 HOH 57 2057 2057 HOH HOH A . 
H 7 HOH 58 2058 2058 HOH HOH A . 
H 7 HOH 59 2059 2059 HOH HOH A . 
H 7 HOH 60 2060 2060 HOH HOH A . 
H 7 HOH 61 2061 2061 HOH HOH A . 
H 7 HOH 62 2062 2062 HOH HOH A . 
H 7 HOH 63 2063 2063 HOH HOH A . 
H 7 HOH 64 2064 2064 HOH HOH A . 
H 7 HOH 65 2065 2065 HOH HOH A . 
H 7 HOH 66 2066 2066 HOH HOH A . 
H 7 HOH 67 2067 2067 HOH HOH A . 
H 7 HOH 68 2068 2068 HOH HOH A . 
H 7 HOH 69 2069 2069 HOH HOH A . 
H 7 HOH 70 2070 2070 HOH HOH A . 
H 7 HOH 71 2071 2071 HOH HOH A . 
H 7 HOH 72 2072 2072 HOH HOH A . 
H 7 HOH 73 2073 2073 HOH HOH A . 
H 7 HOH 74 2074 2074 HOH HOH A . 
H 7 HOH 75 2075 2075 HOH HOH A . 
H 7 HOH 76 2076 2076 HOH HOH A . 
H 7 HOH 77 2077 2077 HOH HOH A . 
H 7 HOH 78 2078 2078 HOH HOH A . 
H 7 HOH 79 2079 2079 HOH HOH A . 
H 7 HOH 80 2080 2080 HOH HOH A . 
H 7 HOH 81 2081 2081 HOH HOH A . 
H 7 HOH 82 2082 2082 HOH HOH A . 
H 7 HOH 83 2083 2083 HOH HOH A . 
H 7 HOH 84 2084 2084 HOH HOH A . 
H 7 HOH 85 2085 2085 HOH HOH A . 
H 7 HOH 86 2086 2086 HOH HOH A . 
# 
_pdbx_struct_assembly.id                   1 
_pdbx_struct_assembly.details              author_and_software_defined_assembly 
_pdbx_struct_assembly.method_details       PISA 
_pdbx_struct_assembly.oligomeric_details   dodecameric 
_pdbx_struct_assembly.oligomeric_count     12 
# 
_pdbx_struct_assembly_gen.assembly_id       1 
_pdbx_struct_assembly_gen.oper_expression   1,2,3,4,5,6,7,8,9,10,11,12 
_pdbx_struct_assembly_gen.asym_id_list      A,B,C,D,E,F,G,H 
# 
loop_
_pdbx_struct_assembly_prop.biol_id 
_pdbx_struct_assembly_prop.type 
_pdbx_struct_assembly_prop.value 
_pdbx_struct_assembly_prop.details 
1 'ABSA (A^2)' 32730  ? 
1 MORE         -587.9 ? 
1 'SSA (A^2)'  26280  ? 
# 
loop_
_pdbx_struct_oper_list.id 
_pdbx_struct_oper_list.type 
_pdbx_struct_oper_list.name 
_pdbx_struct_oper_list.symmetry_operation 
_pdbx_struct_oper_list.matrix[1][1] 
_pdbx_struct_oper_list.matrix[1][2] 
_pdbx_struct_oper_list.matrix[1][3] 
_pdbx_struct_oper_list.vector[1] 
_pdbx_struct_oper_list.matrix[2][1] 
_pdbx_struct_oper_list.matrix[2][2] 
_pdbx_struct_oper_list.matrix[2][3] 
_pdbx_struct_oper_list.vector[2] 
_pdbx_struct_oper_list.matrix[3][1] 
_pdbx_struct_oper_list.matrix[3][2] 
_pdbx_struct_oper_list.matrix[3][3] 
_pdbx_struct_oper_list.vector[3] 
1  'identity operation'         1_555  x,y,z   1.0000000000  0.0000000000  0.0000000000  0.0000000000  0.0000000000  1.0000000000  0.0000000000  0.0000000000  0.0000000000  0.0000000000  1.0000000000  0.0000000000   
2  'crystal symmetry operation' 5_555  z,x,y   0.6259108176  -0.5309053196 -0.5712925607 6.2943764255  0.3228875029  -0.4903919095 0.8094809668  19.3167665873 -0.7099150012 -0.6911261221 -0.1355189081 7.9265699835   
3  'crystal symmetry operation' 9_555  y,z,x   0.6259108176  0.3228875029  -0.7099150012 -4.5496698828 -0.5309053196 -0.4903919095 -0.6911261221 18.2927635547 -0.5712925607 0.8094809668  -0.1355189081 -10.9664243565 
4  'crystal symmetry operation' 80_555 -z,x,-y -0.3328873496 0.6625445382  0.6709849085  20.9911980274 0.2508700579  0.7481494108  -0.6142773585 -7.3884776392 -0.9089830727 -0.0361551389 -0.4152620612 1.1220513225   
5  'crystal symmetry operation' 59_555 y,-z,-x -0.3328873496 0.2508700579  -0.9089830727 9.8611777492  0.6625445382  0.7481494108  -0.0361551389 -8.3393504887 0.6709849085  -0.6142773585 -0.4152620612 -18.1574062698 
6  'crystal symmetry operation' 82_555 -y,z,-x -0.4707726938 -0.6119100142 0.6355621175  37.0127067739 0.8346750898  -0.0755315378 0.5455387074  3.7733080089  -0.2858156141 0.7873125944  0.5463042316  -8.5894344707  
7  'crystal symmetry operation' 52_555 x,-y,-z 0.5179457325  0.6819289641  0.5164349970  5.4067398767  0.6819289641  -0.6936470770 0.2320056475  9.9961955350  0.5164349970  0.2320056475  -0.8242986555 -29.0914308231 
8  'crystal symmetry operation' 75_555 -x,y,-z -0.9434348996 0.1107578661  -0.3125112564 27.2671909143 0.1107578661  -0.7831294416 -0.6119158216 11.8922928748 -0.3125112564 -0.6119158216 0.7265643412  9.1501868064   
9  'crystal symmetry operation' 54_555 z,-x,-y 0.1777492258  -0.9663143083 0.1861232664  25.9331060594 0.0381524534  -0.1822259635 -0.9825162027 2.7285034517  0.9833359563  0.1817425536  0.0044767377  -27.8930565936 
10 'crystal symmetry operation' 36_555 -y,-z,x 0.1777492258  0.0381524534  0.9833359563  22.7145568551 -0.9663143083 -0.1822259635 0.1817425536  30.6260909477 0.1861232664  -0.9825162027 0.0044767377  -2.0210856593  
11 'crystal symmetry operation' 31_555 -z,-x,y -0.4707726938 0.8346750898  -0.2858156141 11.8200909832 -0.6119100142 -0.0755315378 0.7873125944  29.6960196229 0.6355621175  0.5455387074  0.5463042316  -20.8899154687 
12 'crystal symmetry operation' 26_555 -x,-y,z -0.5745108329 -0.7926868303 -0.2039237406 32.3648407044 -0.7926868303 0.4767765186  0.3799101741  22.4643236129 -0.2039237406 0.3799101741  -0.9022656857 -19.7931067396 
# 
loop_
_pdbx_struct_special_symmetry.id 
_pdbx_struct_special_symmetry.PDB_model_num 
_pdbx_struct_special_symmetry.auth_asym_id 
_pdbx_struct_special_symmetry.auth_comp_id 
_pdbx_struct_special_symmetry.auth_seq_id 
_pdbx_struct_special_symmetry.PDB_ins_code 
_pdbx_struct_special_symmetry.label_asym_id 
_pdbx_struct_special_symmetry.label_comp_id 
_pdbx_struct_special_symmetry.label_seq_id 
1  1 A NA  1063 ? D NA  . 
2  1 A CL  1066 ? F CL  . 
3  1 A SO4 1068 ? G SO4 . 
4  1 A SO4 1068 ? G SO4 . 
5  1 A HOH 2001 ? H HOH . 
6  1 A HOH 2011 ? H HOH . 
7  1 A HOH 2028 ? H HOH . 
8  1 A HOH 2036 ? H HOH . 
9  1 A HOH 2061 ? H HOH . 
10 1 A HOH 2086 ? H HOH . 
# 
loop_
_pdbx_struct_conn_angle.id 
_pdbx_struct_conn_angle.ptnr1_label_atom_id 
_pdbx_struct_conn_angle.ptnr1_label_alt_id 
_pdbx_struct_conn_angle.ptnr1_label_asym_id 
_pdbx_struct_conn_angle.ptnr1_label_comp_id 
_pdbx_struct_conn_angle.ptnr1_label_seq_id 
_pdbx_struct_conn_angle.ptnr1_auth_atom_id 
_pdbx_struct_conn_angle.ptnr1_auth_asym_id 
_pdbx_struct_conn_angle.ptnr1_auth_comp_id 
_pdbx_struct_conn_angle.ptnr1_auth_seq_id 
_pdbx_struct_conn_angle.ptnr1_PDB_ins_code 
_pdbx_struct_conn_angle.ptnr1_symmetry 
_pdbx_struct_conn_angle.ptnr2_label_atom_id 
_pdbx_struct_conn_angle.ptnr2_label_alt_id 
_pdbx_struct_conn_angle.ptnr2_label_asym_id 
_pdbx_struct_conn_angle.ptnr2_label_comp_id 
_pdbx_struct_conn_angle.ptnr2_label_seq_id 
_pdbx_struct_conn_angle.ptnr2_auth_atom_id 
_pdbx_struct_conn_angle.ptnr2_auth_asym_id 
_pdbx_struct_conn_angle.ptnr2_auth_comp_id 
_pdbx_struct_conn_angle.ptnr2_auth_seq_id 
_pdbx_struct_conn_angle.ptnr2_PDB_ins_code 
_pdbx_struct_conn_angle.ptnr2_symmetry 
_pdbx_struct_conn_angle.ptnr3_label_atom_id 
_pdbx_struct_conn_angle.ptnr3_label_alt_id 
_pdbx_struct_conn_angle.ptnr3_label_asym_id 
_pdbx_struct_conn_angle.ptnr3_label_comp_id 
_pdbx_struct_conn_angle.ptnr3_label_seq_id 
_pdbx_struct_conn_angle.ptnr3_auth_atom_id 
_pdbx_struct_conn_angle.ptnr3_auth_asym_id 
_pdbx_struct_conn_angle.ptnr3_auth_comp_id 
_pdbx_struct_conn_angle.ptnr3_auth_seq_id 
_pdbx_struct_conn_angle.ptnr3_PDB_ins_code 
_pdbx_struct_conn_angle.ptnr3_symmetry 
_pdbx_struct_conn_angle.value 
_pdbx_struct_conn_angle.value_esd 
1  OE2 ? A GLU 13 ? A GLU 14   ? 1_555  MG ? C MG . ? A MG 1062 ? 1_555 O ? H HOH . ? A HOH 2022 ? 1_555  86.9  ? 
2  OE2 ? A GLU 13 ? A GLU 14   ? 1_555  MG ? C MG . ? A MG 1062 ? 1_555 O ? H HOH . ? A HOH 2023 ? 1_555  93.7  ? 
3  O   ? H HOH .  ? A HOH 2022 ? 1_555  MG ? C MG . ? A MG 1062 ? 1_555 O ? H HOH . ? A HOH 2023 ? 1_555  90.0  ? 
4  OE2 ? A GLU 13 ? A GLU 14   ? 1_555  MG ? C MG . ? A MG 1062 ? 1_555 O ? H HOH . ? A HOH 2025 ? 1_555  86.2  ? 
5  O   ? H HOH .  ? A HOH 2022 ? 1_555  MG ? C MG . ? A MG 1062 ? 1_555 O ? H HOH . ? A HOH 2025 ? 1_555  76.7  ? 
6  O   ? H HOH .  ? A HOH 2023 ? 1_555  MG ? C MG . ? A MG 1062 ? 1_555 O ? H HOH . ? A HOH 2025 ? 1_555  166.6 ? 
7  OE2 ? A GLU 13 ? A GLU 14   ? 1_555  MG ? C MG . ? A MG 1062 ? 1_555 O ? H HOH . ? A HOH 2030 ? 24_555 90.7  ? 
8  O   ? H HOH .  ? A HOH 2022 ? 1_555  MG ? C MG . ? A MG 1062 ? 1_555 O ? H HOH . ? A HOH 2030 ? 24_555 169.9 ? 
9  O   ? H HOH .  ? A HOH 2023 ? 1_555  MG ? C MG . ? A MG 1062 ? 1_555 O ? H HOH . ? A HOH 2030 ? 24_555 100.0 ? 
10 O   ? H HOH .  ? A HOH 2025 ? 1_555  MG ? C MG . ? A MG 1062 ? 1_555 O ? H HOH . ? A HOH 2030 ? 24_555 93.4  ? 
11 OE2 ? A GLU 13 ? A GLU 14   ? 1_555  MG ? C MG . ? A MG 1062 ? 1_555 O ? H HOH . ? A HOH 2038 ? 24_555 168.3 ? 
12 O   ? H HOH .  ? A HOH 2022 ? 1_555  MG ? C MG . ? A MG 1062 ? 1_555 O ? H HOH . ? A HOH 2038 ? 24_555 81.5  ? 
13 O   ? H HOH .  ? A HOH 2023 ? 1_555  MG ? C MG . ? A MG 1062 ? 1_555 O ? H HOH . ? A HOH 2038 ? 24_555 85.6  ? 
14 O   ? H HOH .  ? A HOH 2025 ? 1_555  MG ? C MG . ? A MG 1062 ? 1_555 O ? H HOH . ? A HOH 2038 ? 24_555 91.7  ? 
15 O   ? H HOH .  ? A HOH 2030 ? 24_555 MG ? C MG . ? A MG 1062 ? 1_555 O ? H HOH . ? A HOH 2038 ? 24_555 100.9 ? 
16 OD2 ? A ASP 40 ? A ASP 41   ? 80_555 MG ? B MG . ? A MG 1061 ? 1_555 O ? H HOH . ? A HOH 2053 ? 1_555  80.2  ? 
17 OD2 ? A ASP 40 ? A ASP 41   ? 80_555 MG ? B MG . ? A MG 1061 ? 1_555 O ? H HOH . ? A HOH 2055 ? 1_555  169.6 ? 
18 O   ? H HOH .  ? A HOH 2053 ? 1_555  MG ? B MG . ? A MG 1061 ? 1_555 O ? H HOH . ? A HOH 2055 ? 1_555  92.7  ? 
19 OD2 ? A ASP 40 ? A ASP 41   ? 80_555 MG ? B MG . ? A MG 1061 ? 1_555 O ? H HOH . ? A HOH 2059 ? 80_555 82.1  ? 
20 O   ? H HOH .  ? A HOH 2053 ? 1_555  MG ? B MG . ? A MG 1061 ? 1_555 O ? H HOH . ? A HOH 2059 ? 80_555 92.8  ? 
21 O   ? H HOH .  ? A HOH 2055 ? 1_555  MG ? B MG . ? A MG 1061 ? 1_555 O ? H HOH . ? A HOH 2059 ? 80_555 90.8  ? 
22 OD2 ? A ASP 40 ? A ASP 41   ? 80_555 MG ? B MG . ? A MG 1061 ? 1_555 O ? H HOH . ? A HOH 2078 ? 80_555 85.2  ? 
23 O   ? H HOH .  ? A HOH 2053 ? 1_555  MG ? B MG . ? A MG 1061 ? 1_555 O ? H HOH . ? A HOH 2078 ? 80_555 90.8  ? 
24 O   ? H HOH .  ? A HOH 2055 ? 1_555  MG ? B MG . ? A MG 1061 ? 1_555 O ? H HOH . ? A HOH 2078 ? 80_555 102.5 ? 
25 O   ? H HOH .  ? A HOH 2059 ? 80_555 MG ? B MG . ? A MG 1061 ? 1_555 O ? H HOH . ? A HOH 2078 ? 80_555 166.0 ? 
26 O   ? H HOH .  ? A HOH 2011 ? 80_555 NA ? D NA . ? A NA 1063 ? 1_555 O ? H HOH . ? A HOH 2011 ? 59_555 0.1   ? 
27 O   ? H HOH .  ? A HOH 2011 ? 80_555 NA ? D NA . ? A NA 1063 ? 1_555 O ? H HOH . ? A HOH 2011 ? 1_555  0.1   ? 
28 O   ? H HOH .  ? A HOH 2011 ? 59_555 NA ? D NA . ? A NA 1063 ? 1_555 O ? H HOH . ? A HOH 2011 ? 1_555  0.1   ? 
29 O   ? H HOH .  ? A HOH 2011 ? 80_555 NA ? D NA . ? A NA 1063 ? 1_555 O ? H HOH . ? A HOH 2081 ? 1_555  84.6  ? 
30 O   ? H HOH .  ? A HOH 2011 ? 59_555 NA ? D NA . ? A NA 1063 ? 1_555 O ? H HOH . ? A HOH 2081 ? 1_555  84.6  ? 
31 O   ? H HOH .  ? A HOH 2011 ? 1_555  NA ? D NA . ? A NA 1063 ? 1_555 O ? H HOH . ? A HOH 2081 ? 1_555  84.6  ? 
32 O   ? H HOH .  ? A HOH 2011 ? 80_555 NA ? D NA . ? A NA 1063 ? 1_555 O ? H HOH . ? A HOH 2081 ? 80_555 84.6  ? 
33 O   ? H HOH .  ? A HOH 2011 ? 59_555 NA ? D NA . ? A NA 1063 ? 1_555 O ? H HOH . ? A HOH 2081 ? 80_555 84.6  ? 
34 O   ? H HOH .  ? A HOH 2011 ? 1_555  NA ? D NA . ? A NA 1063 ? 1_555 O ? H HOH . ? A HOH 2081 ? 80_555 84.6  ? 
35 O   ? H HOH .  ? A HOH 2081 ? 1_555  NA ? D NA . ? A NA 1063 ? 1_555 O ? H HOH . ? A HOH 2081 ? 80_555 119.1 ? 
36 O   ? H HOH .  ? A HOH 2011 ? 80_555 NA ? D NA . ? A NA 1063 ? 1_555 O ? H HOH . ? A HOH 2081 ? 59_555 84.6  ? 
37 O   ? H HOH .  ? A HOH 2011 ? 59_555 NA ? D NA . ? A NA 1063 ? 1_555 O ? H HOH . ? A HOH 2081 ? 59_555 84.6  ? 
38 O   ? H HOH .  ? A HOH 2011 ? 1_555  NA ? D NA . ? A NA 1063 ? 1_555 O ? H HOH . ? A HOH 2081 ? 59_555 84.6  ? 
39 O   ? H HOH .  ? A HOH 2081 ? 1_555  NA ? D NA . ? A NA 1063 ? 1_555 O ? H HOH . ? A HOH 2081 ? 59_555 119.1 ? 
40 O   ? H HOH .  ? A HOH 2081 ? 80_555 NA ? D NA . ? A NA 1063 ? 1_555 O ? H HOH . ? A HOH 2081 ? 59_555 119.1 ? 
# 
loop_
_pdbx_audit_revision_history.ordinal 
_pdbx_audit_revision_history.data_content_type 
_pdbx_audit_revision_history.major_revision 
_pdbx_audit_revision_history.minor_revision 
_pdbx_audit_revision_history.revision_date 
1 'Structure model' 1 0 2008-09-30 
2 'Structure model' 1 1 2012-06-06 
3 'Structure model' 1 2 2023-12-13 
# 
_pdbx_audit_revision_details.ordinal             1 
_pdbx_audit_revision_details.revision_ordinal    1 
_pdbx_audit_revision_details.data_content_type   'Structure model' 
_pdbx_audit_revision_details.provider            repository 
_pdbx_audit_revision_details.type                'Initial release' 
_pdbx_audit_revision_details.description         ? 
_pdbx_audit_revision_details.details             ? 
# 
loop_
_pdbx_audit_revision_group.ordinal 
_pdbx_audit_revision_group.revision_ordinal 
_pdbx_audit_revision_group.data_content_type 
_pdbx_audit_revision_group.group 
1  2 'Structure model' 'Database references'       
2  2 'Structure model' 'Derived calculations'      
3  2 'Structure model' 'Non-polymer description'   
4  2 'Structure model' Other                       
5  2 'Structure model' 'Version format compliance' 
6  3 'Structure model' 'Data collection'           
7  3 'Structure model' 'Database references'       
8  3 'Structure model' 'Derived calculations'      
9  3 'Structure model' Other                       
10 3 'Structure model' 'Refinement description'    
# 
loop_
_pdbx_audit_revision_category.ordinal 
_pdbx_audit_revision_category.revision_ordinal 
_pdbx_audit_revision_category.data_content_type 
_pdbx_audit_revision_category.category 
1 3 'Structure model' chem_comp_atom                
2 3 'Structure model' chem_comp_bond                
3 3 'Structure model' database_2                    
4 3 'Structure model' pdbx_database_status          
5 3 'Structure model' pdbx_initial_refinement_model 
6 3 'Structure model' pdbx_struct_conn_angle        
7 3 'Structure model' struct_conn                   
8 3 'Structure model' struct_site                   
# 
loop_
_pdbx_audit_revision_item.ordinal 
_pdbx_audit_revision_item.revision_ordinal 
_pdbx_audit_revision_item.data_content_type 
_pdbx_audit_revision_item.item 
1  3 'Structure model' '_database_2.pdbx_DOI'                        
2  3 'Structure model' '_database_2.pdbx_database_accession'         
3  3 'Structure model' '_pdbx_database_status.status_code_sf'        
4  3 'Structure model' '_pdbx_struct_conn_angle.ptnr1_auth_comp_id'  
5  3 'Structure model' '_pdbx_struct_conn_angle.ptnr1_auth_seq_id'   
6  3 'Structure model' '_pdbx_struct_conn_angle.ptnr1_label_asym_id' 
7  3 'Structure model' '_pdbx_struct_conn_angle.ptnr1_label_atom_id' 
8  3 'Structure model' '_pdbx_struct_conn_angle.ptnr1_label_comp_id' 
9  3 'Structure model' '_pdbx_struct_conn_angle.ptnr1_label_seq_id'  
10 3 'Structure model' '_pdbx_struct_conn_angle.ptnr1_symmetry'      
11 3 'Structure model' '_pdbx_struct_conn_angle.ptnr2_auth_seq_id'   
12 3 'Structure model' '_pdbx_struct_conn_angle.ptnr2_label_asym_id' 
13 3 'Structure model' '_pdbx_struct_conn_angle.ptnr3_auth_comp_id'  
14 3 'Structure model' '_pdbx_struct_conn_angle.ptnr3_auth_seq_id'   
15 3 'Structure model' '_pdbx_struct_conn_angle.ptnr3_label_asym_id' 
16 3 'Structure model' '_pdbx_struct_conn_angle.ptnr3_label_atom_id' 
17 3 'Structure model' '_pdbx_struct_conn_angle.ptnr3_label_comp_id' 
18 3 'Structure model' '_pdbx_struct_conn_angle.ptnr3_label_seq_id'  
19 3 'Structure model' '_pdbx_struct_conn_angle.ptnr3_symmetry'      
20 3 'Structure model' '_pdbx_struct_conn_angle.value'               
21 3 'Structure model' '_struct_conn.pdbx_dist_value'                
22 3 'Structure model' '_struct_conn.ptnr1_auth_comp_id'             
23 3 'Structure model' '_struct_conn.ptnr1_auth_seq_id'              
24 3 'Structure model' '_struct_conn.ptnr1_label_asym_id'            
25 3 'Structure model' '_struct_conn.ptnr1_label_atom_id'            
26 3 'Structure model' '_struct_conn.ptnr1_label_comp_id'            
27 3 'Structure model' '_struct_conn.ptnr1_label_seq_id'             
28 3 'Structure model' '_struct_conn.ptnr1_symmetry'                 
29 3 'Structure model' '_struct_conn.ptnr2_auth_comp_id'             
30 3 'Structure model' '_struct_conn.ptnr2_auth_seq_id'              
31 3 'Structure model' '_struct_conn.ptnr2_label_asym_id'            
32 3 'Structure model' '_struct_conn.ptnr2_label_atom_id'            
33 3 'Structure model' '_struct_conn.ptnr2_label_comp_id'            
34 3 'Structure model' '_struct_conn.ptnr2_label_seq_id'             
35 3 'Structure model' '_struct_conn.ptnr2_symmetry'                 
36 3 'Structure model' '_struct_site.pdbx_auth_asym_id'              
37 3 'Structure model' '_struct_site.pdbx_auth_comp_id'              
38 3 'Structure model' '_struct_site.pdbx_auth_seq_id'               
# 
loop_
_software.name 
_software.classification 
_software.version 
_software.citation_id 
_software.pdbx_ordinal 
REFMAC refinement       5.2.0019 ? 1 
XDS    'data reduction' .        ? 2 
XSCALE 'data scaling'   .        ? 3 
# 
_pdbx_entry_details.entry_id                 2VKG 
_pdbx_entry_details.compound_details         'ENGINEERED RESIDUE IN CHAIN A, GLU 54 TO ALA' 
_pdbx_entry_details.source_details           ? 
_pdbx_entry_details.nonpolymer_details       'COFC4_O5 (CF4): SYNTHETIC FLAVIN' 
_pdbx_entry_details.sequence_details         'MUTATION OF E45A AND DELETION OF GLU50,GLU51(UNP GLU59, GLU60)' 
_pdbx_entry_details.has_ligand_of_interest   ? 
# 
loop_
_pdbx_validate_close_contact.id 
_pdbx_validate_close_contact.PDB_model_num 
_pdbx_validate_close_contact.auth_atom_id_1 
_pdbx_validate_close_contact.auth_asym_id_1 
_pdbx_validate_close_contact.auth_comp_id_1 
_pdbx_validate_close_contact.auth_seq_id_1 
_pdbx_validate_close_contact.PDB_ins_code_1 
_pdbx_validate_close_contact.label_alt_id_1 
_pdbx_validate_close_contact.auth_atom_id_2 
_pdbx_validate_close_contact.auth_asym_id_2 
_pdbx_validate_close_contact.auth_comp_id_2 
_pdbx_validate_close_contact.auth_seq_id_2 
_pdbx_validate_close_contact.PDB_ins_code_2 
_pdbx_validate_close_contact.label_alt_id_2 
_pdbx_validate_close_contact.dist 
1 1 O A HOH 2064 ? ? O A HOH 2077 ? ? 2.14 
2 1 O A HOH 2074 ? ? O A HOH 2075 ? ? 2.17 
# 
_pdbx_distant_solvent_atoms.id                                1 
_pdbx_distant_solvent_atoms.PDB_model_num                     1 
_pdbx_distant_solvent_atoms.auth_atom_id                      O 
_pdbx_distant_solvent_atoms.label_alt_id                      ? 
_pdbx_distant_solvent_atoms.auth_asym_id                      A 
_pdbx_distant_solvent_atoms.auth_comp_id                      HOH 
_pdbx_distant_solvent_atoms.auth_seq_id                       2001 
_pdbx_distant_solvent_atoms.PDB_ins_code                      ? 
_pdbx_distant_solvent_atoms.neighbor_macromolecule_distance   6.05 
_pdbx_distant_solvent_atoms.neighbor_ligand_distance          . 
# 
loop_
_chem_comp_atom.comp_id 
_chem_comp_atom.atom_id 
_chem_comp_atom.type_symbol 
_chem_comp_atom.pdbx_aromatic_flag 
_chem_comp_atom.pdbx_stereo_config 
_chem_comp_atom.pdbx_ordinal 
ALA N      N  N N 1   
ALA CA     C  N S 2   
ALA C      C  N N 3   
ALA O      O  N N 4   
ALA CB     C  N N 5   
ALA OXT    O  N N 6   
ALA H      H  N N 7   
ALA H2     H  N N 8   
ALA HA     H  N N 9   
ALA HB1    H  N N 10  
ALA HB2    H  N N 11  
ALA HB3    H  N N 12  
ALA HXT    H  N N 13  
ARG N      N  N N 14  
ARG CA     C  N S 15  
ARG C      C  N N 16  
ARG O      O  N N 17  
ARG CB     C  N N 18  
ARG CG     C  N N 19  
ARG CD     C  N N 20  
ARG NE     N  N N 21  
ARG CZ     C  N N 22  
ARG NH1    N  N N 23  
ARG NH2    N  N N 24  
ARG OXT    O  N N 25  
ARG H      H  N N 26  
ARG H2     H  N N 27  
ARG HA     H  N N 28  
ARG HB2    H  N N 29  
ARG HB3    H  N N 30  
ARG HG2    H  N N 31  
ARG HG3    H  N N 32  
ARG HD2    H  N N 33  
ARG HD3    H  N N 34  
ARG HE     H  N N 35  
ARG HH11   H  N N 36  
ARG HH12   H  N N 37  
ARG HH21   H  N N 38  
ARG HH22   H  N N 39  
ARG HXT    H  N N 40  
ASN N      N  N N 41  
ASN CA     C  N S 42  
ASN C      C  N N 43  
ASN O      O  N N 44  
ASN CB     C  N N 45  
ASN CG     C  N N 46  
ASN OD1    O  N N 47  
ASN ND2    N  N N 48  
ASN OXT    O  N N 49  
ASN H      H  N N 50  
ASN H2     H  N N 51  
ASN HA     H  N N 52  
ASN HB2    H  N N 53  
ASN HB3    H  N N 54  
ASN HD21   H  N N 55  
ASN HD22   H  N N 56  
ASN HXT    H  N N 57  
ASP N      N  N N 58  
ASP CA     C  N S 59  
ASP C      C  N N 60  
ASP O      O  N N 61  
ASP CB     C  N N 62  
ASP CG     C  N N 63  
ASP OD1    O  N N 64  
ASP OD2    O  N N 65  
ASP OXT    O  N N 66  
ASP H      H  N N 67  
ASP H2     H  N N 68  
ASP HA     H  N N 69  
ASP HB2    H  N N 70  
ASP HB3    H  N N 71  
ASP HD2    H  N N 72  
ASP HXT    H  N N 73  
CF4 O4     O  N N 74  
CF4 C4     C  N N 75  
CF4 N3     N  N N 76  
CF4 C2     C  N N 77  
CF4 O2     O  N N 78  
CF4 N1     N  N N 79  
CF4 C4A    C  N N 80  
CF4 C10    C  N N 81  
CF4 N5     N  N N 82  
CF4 C5A    C  Y N 83  
CF4 C6     C  Y N 84  
CF4 C7     C  Y N 85  
CF4 C7M    C  N N 86  
CF4 C8     C  Y N 87  
CF4 C8M    C  N N 88  
CF4 C9     C  Y N 89  
CF4 C9A    C  Y N 90  
CF4 N10    N  N N 91  
CF4 "C1'"  C  N N 92  
CF4 "C2'"  C  N N 93  
CF4 "C3'"  C  N N 94  
CF4 "C4'"  C  N N 95  
CF4 "N1'"  N  N N 96  
CF4 "C5'"  C  N N 97  
CF4 "O1'"  O  N N 98  
CF4 "O2'"  O  N N 99  
CF4 H3     H  N N 100 
CF4 H6     H  N N 101 
CF4 H7M1   H  N N 102 
CF4 H7M2   H  N N 103 
CF4 H7M3   H  N N 104 
CF4 H8M1   H  N N 105 
CF4 H8M2   H  N N 106 
CF4 H8M3   H  N N 107 
CF4 H9     H  N N 108 
CF4 "H1'1" H  N N 109 
CF4 "H1'2" H  N N 110 
CF4 "H2'1" H  N N 111 
CF4 "H2'2" H  N N 112 
CF4 "H3'1" H  N N 113 
CF4 "H3'2" H  N N 114 
CF4 "H4'1" H  N N 115 
CF4 "H4'2" H  N N 116 
CF4 "H1'"  H  N N 117 
CF4 HA     H  N N 118 
CL  CL     CL N N 119 
GLN N      N  N N 120 
GLN CA     C  N S 121 
GLN C      C  N N 122 
GLN O      O  N N 123 
GLN CB     C  N N 124 
GLN CG     C  N N 125 
GLN CD     C  N N 126 
GLN OE1    O  N N 127 
GLN NE2    N  N N 128 
GLN OXT    O  N N 129 
GLN H      H  N N 130 
GLN H2     H  N N 131 
GLN HA     H  N N 132 
GLN HB2    H  N N 133 
GLN HB3    H  N N 134 
GLN HG2    H  N N 135 
GLN HG3    H  N N 136 
GLN HE21   H  N N 137 
GLN HE22   H  N N 138 
GLN HXT    H  N N 139 
GLU N      N  N N 140 
GLU CA     C  N S 141 
GLU C      C  N N 142 
GLU O      O  N N 143 
GLU CB     C  N N 144 
GLU CG     C  N N 145 
GLU CD     C  N N 146 
GLU OE1    O  N N 147 
GLU OE2    O  N N 148 
GLU OXT    O  N N 149 
GLU H      H  N N 150 
GLU H2     H  N N 151 
GLU HA     H  N N 152 
GLU HB2    H  N N 153 
GLU HB3    H  N N 154 
GLU HG2    H  N N 155 
GLU HG3    H  N N 156 
GLU HE2    H  N N 157 
GLU HXT    H  N N 158 
GLY N      N  N N 159 
GLY CA     C  N N 160 
GLY C      C  N N 161 
GLY O      O  N N 162 
GLY OXT    O  N N 163 
GLY H      H  N N 164 
GLY H2     H  N N 165 
GLY HA2    H  N N 166 
GLY HA3    H  N N 167 
GLY HXT    H  N N 168 
HOH O      O  N N 169 
HOH H1     H  N N 170 
HOH H2     H  N N 171 
ILE N      N  N N 172 
ILE CA     C  N S 173 
ILE C      C  N N 174 
ILE O      O  N N 175 
ILE CB     C  N S 176 
ILE CG1    C  N N 177 
ILE CG2    C  N N 178 
ILE CD1    C  N N 179 
ILE OXT    O  N N 180 
ILE H      H  N N 181 
ILE H2     H  N N 182 
ILE HA     H  N N 183 
ILE HB     H  N N 184 
ILE HG12   H  N N 185 
ILE HG13   H  N N 186 
ILE HG21   H  N N 187 
ILE HG22   H  N N 188 
ILE HG23   H  N N 189 
ILE HD11   H  N N 190 
ILE HD12   H  N N 191 
ILE HD13   H  N N 192 
ILE HXT    H  N N 193 
LEU N      N  N N 194 
LEU CA     C  N S 195 
LEU C      C  N N 196 
LEU O      O  N N 197 
LEU CB     C  N N 198 
LEU CG     C  N N 199 
LEU CD1    C  N N 200 
LEU CD2    C  N N 201 
LEU OXT    O  N N 202 
LEU H      H  N N 203 
LEU H2     H  N N 204 
LEU HA     H  N N 205 
LEU HB2    H  N N 206 
LEU HB3    H  N N 207 
LEU HG     H  N N 208 
LEU HD11   H  N N 209 
LEU HD12   H  N N 210 
LEU HD13   H  N N 211 
LEU HD21   H  N N 212 
LEU HD22   H  N N 213 
LEU HD23   H  N N 214 
LEU HXT    H  N N 215 
LYS N      N  N N 216 
LYS CA     C  N S 217 
LYS C      C  N N 218 
LYS O      O  N N 219 
LYS CB     C  N N 220 
LYS CG     C  N N 221 
LYS CD     C  N N 222 
LYS CE     C  N N 223 
LYS NZ     N  N N 224 
LYS OXT    O  N N 225 
LYS H      H  N N 226 
LYS H2     H  N N 227 
LYS HA     H  N N 228 
LYS HB2    H  N N 229 
LYS HB3    H  N N 230 
LYS HG2    H  N N 231 
LYS HG3    H  N N 232 
LYS HD2    H  N N 233 
LYS HD3    H  N N 234 
LYS HE2    H  N N 235 
LYS HE3    H  N N 236 
LYS HZ1    H  N N 237 
LYS HZ2    H  N N 238 
LYS HZ3    H  N N 239 
LYS HXT    H  N N 240 
MG  MG     MG N N 241 
NA  NA     NA N N 242 
PHE N      N  N N 243 
PHE CA     C  N S 244 
PHE C      C  N N 245 
PHE O      O  N N 246 
PHE CB     C  N N 247 
PHE CG     C  Y N 248 
PHE CD1    C  Y N 249 
PHE CD2    C  Y N 250 
PHE CE1    C  Y N 251 
PHE CE2    C  Y N 252 
PHE CZ     C  Y N 253 
PHE OXT    O  N N 254 
PHE H      H  N N 255 
PHE H2     H  N N 256 
PHE HA     H  N N 257 
PHE HB2    H  N N 258 
PHE HB3    H  N N 259 
PHE HD1    H  N N 260 
PHE HD2    H  N N 261 
PHE HE1    H  N N 262 
PHE HE2    H  N N 263 
PHE HZ     H  N N 264 
PHE HXT    H  N N 265 
SER N      N  N N 266 
SER CA     C  N S 267 
SER C      C  N N 268 
SER O      O  N N 269 
SER CB     C  N N 270 
SER OG     O  N N 271 
SER OXT    O  N N 272 
SER H      H  N N 273 
SER H2     H  N N 274 
SER HA     H  N N 275 
SER HB2    H  N N 276 
SER HB3    H  N N 277 
SER HG     H  N N 278 
SER HXT    H  N N 279 
SO4 S      S  N N 280 
SO4 O1     O  N N 281 
SO4 O2     O  N N 282 
SO4 O3     O  N N 283 
SO4 O4     O  N N 284 
THR N      N  N N 285 
THR CA     C  N S 286 
THR C      C  N N 287 
THR O      O  N N 288 
THR CB     C  N R 289 
THR OG1    O  N N 290 
THR CG2    C  N N 291 
THR OXT    O  N N 292 
THR H      H  N N 293 
THR H2     H  N N 294 
THR HA     H  N N 295 
THR HB     H  N N 296 
THR HG1    H  N N 297 
THR HG21   H  N N 298 
THR HG22   H  N N 299 
THR HG23   H  N N 300 
THR HXT    H  N N 301 
TRP N      N  N N 302 
TRP CA     C  N S 303 
TRP C      C  N N 304 
TRP O      O  N N 305 
TRP CB     C  N N 306 
TRP CG     C  Y N 307 
TRP CD1    C  Y N 308 
TRP CD2    C  Y N 309 
TRP NE1    N  Y N 310 
TRP CE2    C  Y N 311 
TRP CE3    C  Y N 312 
TRP CZ2    C  Y N 313 
TRP CZ3    C  Y N 314 
TRP CH2    C  Y N 315 
TRP OXT    O  N N 316 
TRP H      H  N N 317 
TRP H2     H  N N 318 
TRP HA     H  N N 319 
TRP HB2    H  N N 320 
TRP HB3    H  N N 321 
TRP HD1    H  N N 322 
TRP HE1    H  N N 323 
TRP HE3    H  N N 324 
TRP HZ2    H  N N 325 
TRP HZ3    H  N N 326 
TRP HH2    H  N N 327 
TRP HXT    H  N N 328 
TYR N      N  N N 329 
TYR CA     C  N S 330 
TYR C      C  N N 331 
TYR O      O  N N 332 
TYR CB     C  N N 333 
TYR CG     C  Y N 334 
TYR CD1    C  Y N 335 
TYR CD2    C  Y N 336 
TYR CE1    C  Y N 337 
TYR CE2    C  Y N 338 
TYR CZ     C  Y N 339 
TYR OH     O  N N 340 
TYR OXT    O  N N 341 
TYR H      H  N N 342 
TYR H2     H  N N 343 
TYR HA     H  N N 344 
TYR HB2    H  N N 345 
TYR HB3    H  N N 346 
TYR HD1    H  N N 347 
TYR HD2    H  N N 348 
TYR HE1    H  N N 349 
TYR HE2    H  N N 350 
TYR HH     H  N N 351 
TYR HXT    H  N N 352 
VAL N      N  N N 353 
VAL CA     C  N S 354 
VAL C      C  N N 355 
VAL O      O  N N 356 
VAL CB     C  N N 357 
VAL CG1    C  N N 358 
VAL CG2    C  N N 359 
VAL OXT    O  N N 360 
VAL H      H  N N 361 
VAL H2     H  N N 362 
VAL HA     H  N N 363 
VAL HB     H  N N 364 
VAL HG11   H  N N 365 
VAL HG12   H  N N 366 
VAL HG13   H  N N 367 
VAL HG21   H  N N 368 
VAL HG22   H  N N 369 
VAL HG23   H  N N 370 
VAL HXT    H  N N 371 
# 
loop_
_chem_comp_bond.comp_id 
_chem_comp_bond.atom_id_1 
_chem_comp_bond.atom_id_2 
_chem_comp_bond.value_order 
_chem_comp_bond.pdbx_aromatic_flag 
_chem_comp_bond.pdbx_stereo_config 
_chem_comp_bond.pdbx_ordinal 
ALA N     CA     sing N N 1   
ALA N     H      sing N N 2   
ALA N     H2     sing N N 3   
ALA CA    C      sing N N 4   
ALA CA    CB     sing N N 5   
ALA CA    HA     sing N N 6   
ALA C     O      doub N N 7   
ALA C     OXT    sing N N 8   
ALA CB    HB1    sing N N 9   
ALA CB    HB2    sing N N 10  
ALA CB    HB3    sing N N 11  
ALA OXT   HXT    sing N N 12  
ARG N     CA     sing N N 13  
ARG N     H      sing N N 14  
ARG N     H2     sing N N 15  
ARG CA    C      sing N N 16  
ARG CA    CB     sing N N 17  
ARG CA    HA     sing N N 18  
ARG C     O      doub N N 19  
ARG C     OXT    sing N N 20  
ARG CB    CG     sing N N 21  
ARG CB    HB2    sing N N 22  
ARG CB    HB3    sing N N 23  
ARG CG    CD     sing N N 24  
ARG CG    HG2    sing N N 25  
ARG CG    HG3    sing N N 26  
ARG CD    NE     sing N N 27  
ARG CD    HD2    sing N N 28  
ARG CD    HD3    sing N N 29  
ARG NE    CZ     sing N N 30  
ARG NE    HE     sing N N 31  
ARG CZ    NH1    sing N N 32  
ARG CZ    NH2    doub N N 33  
ARG NH1   HH11   sing N N 34  
ARG NH1   HH12   sing N N 35  
ARG NH2   HH21   sing N N 36  
ARG NH2   HH22   sing N N 37  
ARG OXT   HXT    sing N N 38  
ASN N     CA     sing N N 39  
ASN N     H      sing N N 40  
ASN N     H2     sing N N 41  
ASN CA    C      sing N N 42  
ASN CA    CB     sing N N 43  
ASN CA    HA     sing N N 44  
ASN C     O      doub N N 45  
ASN C     OXT    sing N N 46  
ASN CB    CG     sing N N 47  
ASN CB    HB2    sing N N 48  
ASN CB    HB3    sing N N 49  
ASN CG    OD1    doub N N 50  
ASN CG    ND2    sing N N 51  
ASN ND2   HD21   sing N N 52  
ASN ND2   HD22   sing N N 53  
ASN OXT   HXT    sing N N 54  
ASP N     CA     sing N N 55  
ASP N     H      sing N N 56  
ASP N     H2     sing N N 57  
ASP CA    C      sing N N 58  
ASP CA    CB     sing N N 59  
ASP CA    HA     sing N N 60  
ASP C     O      doub N N 61  
ASP C     OXT    sing N N 62  
ASP CB    CG     sing N N 63  
ASP CB    HB2    sing N N 64  
ASP CB    HB3    sing N N 65  
ASP CG    OD1    doub N N 66  
ASP CG    OD2    sing N N 67  
ASP OD2   HD2    sing N N 68  
ASP OXT   HXT    sing N N 69  
CF4 O4    C4     doub N N 70  
CF4 C4    N3     sing N N 71  
CF4 C4    C4A    sing N N 72  
CF4 N3    C2     sing N N 73  
CF4 C2    O2     doub N N 74  
CF4 C2    N1     sing N N 75  
CF4 N1    C10    doub N N 76  
CF4 C4A   C10    sing N N 77  
CF4 C4A   N5     doub N N 78  
CF4 C10   N10    sing N N 79  
CF4 N5    C5A    sing N N 80  
CF4 C5A   C6     sing Y N 81  
CF4 C5A   C9A    doub Y N 82  
CF4 C6    C7     doub Y N 83  
CF4 C7    C7M    sing N N 84  
CF4 C7    C8     sing Y N 85  
CF4 C8    C8M    sing N N 86  
CF4 C8    C9     doub Y N 87  
CF4 C9    C9A    sing Y N 88  
CF4 C9A   N10    sing N N 89  
CF4 N10   "C1'"  sing N N 90  
CF4 "C1'" "C2'"  sing N N 91  
CF4 "C2'" "C3'"  sing N N 92  
CF4 "C3'" "C4'"  sing N N 93  
CF4 "C4'" "N1'"  sing N N 94  
CF4 "N1'" "C5'"  sing N N 95  
CF4 "C5'" "O1'"  sing N N 96  
CF4 "C5'" "O2'"  doub N N 97  
CF4 N3    H3     sing N N 98  
CF4 C6    H6     sing N N 99  
CF4 C7M   H7M1   sing N N 100 
CF4 C7M   H7M2   sing N N 101 
CF4 C7M   H7M3   sing N N 102 
CF4 C8M   H8M1   sing N N 103 
CF4 C8M   H8M2   sing N N 104 
CF4 C8M   H8M3   sing N N 105 
CF4 C9    H9     sing N N 106 
CF4 "C1'" "H1'1" sing N N 107 
CF4 "C1'" "H1'2" sing N N 108 
CF4 "C2'" "H2'1" sing N N 109 
CF4 "C2'" "H2'2" sing N N 110 
CF4 "C3'" "H3'1" sing N N 111 
CF4 "C3'" "H3'2" sing N N 112 
CF4 "C4'" "H4'1" sing N N 113 
CF4 "C4'" "H4'2" sing N N 114 
CF4 "N1'" "H1'"  sing N N 115 
CF4 "O1'" HA     sing N N 116 
GLN N     CA     sing N N 117 
GLN N     H      sing N N 118 
GLN N     H2     sing N N 119 
GLN CA    C      sing N N 120 
GLN CA    CB     sing N N 121 
GLN CA    HA     sing N N 122 
GLN C     O      doub N N 123 
GLN C     OXT    sing N N 124 
GLN CB    CG     sing N N 125 
GLN CB    HB2    sing N N 126 
GLN CB    HB3    sing N N 127 
GLN CG    CD     sing N N 128 
GLN CG    HG2    sing N N 129 
GLN CG    HG3    sing N N 130 
GLN CD    OE1    doub N N 131 
GLN CD    NE2    sing N N 132 
GLN NE2   HE21   sing N N 133 
GLN NE2   HE22   sing N N 134 
GLN OXT   HXT    sing N N 135 
GLU N     CA     sing N N 136 
GLU N     H      sing N N 137 
GLU N     H2     sing N N 138 
GLU CA    C      sing N N 139 
GLU CA    CB     sing N N 140 
GLU CA    HA     sing N N 141 
GLU C     O      doub N N 142 
GLU C     OXT    sing N N 143 
GLU CB    CG     sing N N 144 
GLU CB    HB2    sing N N 145 
GLU CB    HB3    sing N N 146 
GLU CG    CD     sing N N 147 
GLU CG    HG2    sing N N 148 
GLU CG    HG3    sing N N 149 
GLU CD    OE1    doub N N 150 
GLU CD    OE2    sing N N 151 
GLU OE2   HE2    sing N N 152 
GLU OXT   HXT    sing N N 153 
GLY N     CA     sing N N 154 
GLY N     H      sing N N 155 
GLY N     H2     sing N N 156 
GLY CA    C      sing N N 157 
GLY CA    HA2    sing N N 158 
GLY CA    HA3    sing N N 159 
GLY C     O      doub N N 160 
GLY C     OXT    sing N N 161 
GLY OXT   HXT    sing N N 162 
HOH O     H1     sing N N 163 
HOH O     H2     sing N N 164 
ILE N     CA     sing N N 165 
ILE N     H      sing N N 166 
ILE N     H2     sing N N 167 
ILE CA    C      sing N N 168 
ILE CA    CB     sing N N 169 
ILE CA    HA     sing N N 170 
ILE C     O      doub N N 171 
ILE C     OXT    sing N N 172 
ILE CB    CG1    sing N N 173 
ILE CB    CG2    sing N N 174 
ILE CB    HB     sing N N 175 
ILE CG1   CD1    sing N N 176 
ILE CG1   HG12   sing N N 177 
ILE CG1   HG13   sing N N 178 
ILE CG2   HG21   sing N N 179 
ILE CG2   HG22   sing N N 180 
ILE CG2   HG23   sing N N 181 
ILE CD1   HD11   sing N N 182 
ILE CD1   HD12   sing N N 183 
ILE CD1   HD13   sing N N 184 
ILE OXT   HXT    sing N N 185 
LEU N     CA     sing N N 186 
LEU N     H      sing N N 187 
LEU N     H2     sing N N 188 
LEU CA    C      sing N N 189 
LEU CA    CB     sing N N 190 
LEU CA    HA     sing N N 191 
LEU C     O      doub N N 192 
LEU C     OXT    sing N N 193 
LEU CB    CG     sing N N 194 
LEU CB    HB2    sing N N 195 
LEU CB    HB3    sing N N 196 
LEU CG    CD1    sing N N 197 
LEU CG    CD2    sing N N 198 
LEU CG    HG     sing N N 199 
LEU CD1   HD11   sing N N 200 
LEU CD1   HD12   sing N N 201 
LEU CD1   HD13   sing N N 202 
LEU CD2   HD21   sing N N 203 
LEU CD2   HD22   sing N N 204 
LEU CD2   HD23   sing N N 205 
LEU OXT   HXT    sing N N 206 
LYS N     CA     sing N N 207 
LYS N     H      sing N N 208 
LYS N     H2     sing N N 209 
LYS CA    C      sing N N 210 
LYS CA    CB     sing N N 211 
LYS CA    HA     sing N N 212 
LYS C     O      doub N N 213 
LYS C     OXT    sing N N 214 
LYS CB    CG     sing N N 215 
LYS CB    HB2    sing N N 216 
LYS CB    HB3    sing N N 217 
LYS CG    CD     sing N N 218 
LYS CG    HG2    sing N N 219 
LYS CG    HG3    sing N N 220 
LYS CD    CE     sing N N 221 
LYS CD    HD2    sing N N 222 
LYS CD    HD3    sing N N 223 
LYS CE    NZ     sing N N 224 
LYS CE    HE2    sing N N 225 
LYS CE    HE3    sing N N 226 
LYS NZ    HZ1    sing N N 227 
LYS NZ    HZ2    sing N N 228 
LYS NZ    HZ3    sing N N 229 
LYS OXT   HXT    sing N N 230 
PHE N     CA     sing N N 231 
PHE N     H      sing N N 232 
PHE N     H2     sing N N 233 
PHE CA    C      sing N N 234 
PHE CA    CB     sing N N 235 
PHE CA    HA     sing N N 236 
PHE C     O      doub N N 237 
PHE C     OXT    sing N N 238 
PHE CB    CG     sing N N 239 
PHE CB    HB2    sing N N 240 
PHE CB    HB3    sing N N 241 
PHE CG    CD1    doub Y N 242 
PHE CG    CD2    sing Y N 243 
PHE CD1   CE1    sing Y N 244 
PHE CD1   HD1    sing N N 245 
PHE CD2   CE2    doub Y N 246 
PHE CD2   HD2    sing N N 247 
PHE CE1   CZ     doub Y N 248 
PHE CE1   HE1    sing N N 249 
PHE CE2   CZ     sing Y N 250 
PHE CE2   HE2    sing N N 251 
PHE CZ    HZ     sing N N 252 
PHE OXT   HXT    sing N N 253 
SER N     CA     sing N N 254 
SER N     H      sing N N 255 
SER N     H2     sing N N 256 
SER CA    C      sing N N 257 
SER CA    CB     sing N N 258 
SER CA    HA     sing N N 259 
SER C     O      doub N N 260 
SER C     OXT    sing N N 261 
SER CB    OG     sing N N 262 
SER CB    HB2    sing N N 263 
SER CB    HB3    sing N N 264 
SER OG    HG     sing N N 265 
SER OXT   HXT    sing N N 266 
SO4 S     O1     doub N N 267 
SO4 S     O2     doub N N 268 
SO4 S     O3     sing N N 269 
SO4 S     O4     sing N N 270 
THR N     CA     sing N N 271 
THR N     H      sing N N 272 
THR N     H2     sing N N 273 
THR CA    C      sing N N 274 
THR CA    CB     sing N N 275 
THR CA    HA     sing N N 276 
THR C     O      doub N N 277 
THR C     OXT    sing N N 278 
THR CB    OG1    sing N N 279 
THR CB    CG2    sing N N 280 
THR CB    HB     sing N N 281 
THR OG1   HG1    sing N N 282 
THR CG2   HG21   sing N N 283 
THR CG2   HG22   sing N N 284 
THR CG2   HG23   sing N N 285 
THR OXT   HXT    sing N N 286 
TRP N     CA     sing N N 287 
TRP N     H      sing N N 288 
TRP N     H2     sing N N 289 
TRP CA    C      sing N N 290 
TRP CA    CB     sing N N 291 
TRP CA    HA     sing N N 292 
TRP C     O      doub N N 293 
TRP C     OXT    sing N N 294 
TRP CB    CG     sing N N 295 
TRP CB    HB2    sing N N 296 
TRP CB    HB3    sing N N 297 
TRP CG    CD1    doub Y N 298 
TRP CG    CD2    sing Y N 299 
TRP CD1   NE1    sing Y N 300 
TRP CD1   HD1    sing N N 301 
TRP CD2   CE2    doub Y N 302 
TRP CD2   CE3    sing Y N 303 
TRP NE1   CE2    sing Y N 304 
TRP NE1   HE1    sing N N 305 
TRP CE2   CZ2    sing Y N 306 
TRP CE3   CZ3    doub Y N 307 
TRP CE3   HE3    sing N N 308 
TRP CZ2   CH2    doub Y N 309 
TRP CZ2   HZ2    sing N N 310 
TRP CZ3   CH2    sing Y N 311 
TRP CZ3   HZ3    sing N N 312 
TRP CH2   HH2    sing N N 313 
TRP OXT   HXT    sing N N 314 
TYR N     CA     sing N N 315 
TYR N     H      sing N N 316 
TYR N     H2     sing N N 317 
TYR CA    C      sing N N 318 
TYR CA    CB     sing N N 319 
TYR CA    HA     sing N N 320 
TYR C     O      doub N N 321 
TYR C     OXT    sing N N 322 
TYR CB    CG     sing N N 323 
TYR CB    HB2    sing N N 324 
TYR CB    HB3    sing N N 325 
TYR CG    CD1    doub Y N 326 
TYR CG    CD2    sing Y N 327 
TYR CD1   CE1    sing Y N 328 
TYR CD1   HD1    sing N N 329 
TYR CD2   CE2    doub Y N 330 
TYR CD2   HD2    sing N N 331 
TYR CE1   CZ     doub Y N 332 
TYR CE1   HE1    sing N N 333 
TYR CE2   CZ     sing Y N 334 
TYR CE2   HE2    sing N N 335 
TYR CZ    OH     sing N N 336 
TYR OH    HH     sing N N 337 
TYR OXT   HXT    sing N N 338 
VAL N     CA     sing N N 339 
VAL N     H      sing N N 340 
VAL N     H2     sing N N 341 
VAL CA    C      sing N N 342 
VAL CA    CB     sing N N 343 
VAL CA    HA     sing N N 344 
VAL C     O      doub N N 345 
VAL C     OXT    sing N N 346 
VAL CB    CG1    sing N N 347 
VAL CB    CG2    sing N N 348 
VAL CB    HB     sing N N 349 
VAL CG1   HG11   sing N N 350 
VAL CG1   HG12   sing N N 351 
VAL CG1   HG13   sing N N 352 
VAL CG2   HG21   sing N N 353 
VAL CG2   HG22   sing N N 354 
VAL CG2   HG23   sing N N 355 
VAL OXT   HXT    sing N N 356 
# 
loop_
_pdbx_entity_nonpoly.entity_id 
_pdbx_entity_nonpoly.name 
_pdbx_entity_nonpoly.comp_id 
2 'MAGNESIUM ION'                                                                        MG  
3 'SODIUM ION'                                                                           NA  
4 '[4-(7,8-dimethyl-2,4-dioxo-3,4-dihydrobenzo[g]pteridin-10(2H)-yl)butyl]carbamic acid' CF4 
5 'CHLORIDE ION'                                                                         CL  
6 'SULFATE ION'                                                                          SO4 
7 water                                                                                  HOH 
# 
_pdbx_initial_refinement_model.id               1 
_pdbx_initial_refinement_model.entity_id_list   ? 
_pdbx_initial_refinement_model.type             'experimental model' 
_pdbx_initial_refinement_model.source_name      PDB 
_pdbx_initial_refinement_model.accession_code   2CCC 
_pdbx_initial_refinement_model.details          'PDB ENTRY 2CCC' 
# 
